data_7H9H
#
_entry.id   7H9H
#
_cell.length_a   87.472
_cell.length_b   87.472
_cell.length_c   85.825
_cell.angle_alpha   90.00
_cell.angle_beta   90.00
_cell.angle_gamma   120.00
#
_symmetry.space_group_name_H-M   'P 31'
#
loop_
_entity.id
_entity.type
_entity.pdbx_description
1 polymer 'Non-structural protein 3'
2 non-polymer 'DIMETHYL SULFOXIDE'
3 non-polymer 2-AMINO-2-HYDROXYMETHYL-PROPANE-1,3-DIOL
4 non-polymer 'CHLORIDE ION'
5 non-polymer 2-methyl-1~{H}-benzimidazole
6 water water
#
_entity_poly.entity_id   1
_entity_poly.type   'polypeptide(L)'
_entity_poly.pdbx_seq_one_letter_code
;GAMAPSYRVKRMDIAKNDEECVVNAANPRGLPGDGVCKAVYKKWPESFKNSATPVGTAKTVMCGTYPVIHAVGPNFSNYT
ESEGDRELAAAYREVAKEVTRLGVNSVAIPLLSTGVYSGGKDRLTQSLNHLFTAMDSTDADVVIYCRDKEWEKKISEAIQ
MRT
;
_entity_poly.pdbx_strand_id   A,B,C,D
#
loop_
_chem_comp.id
_chem_comp.type
_chem_comp.name
_chem_comp.formula
8P7 non-polymer 2-methyl-1~{H}-benzimidazole 'C8 H8 N2'
CL non-polymer 'CHLORIDE ION' 'Cl -1'
DMS non-polymer 'DIMETHYL SULFOXIDE' 'C2 H6 O S'
TRS non-polymer 2-AMINO-2-HYDROXYMETHYL-PROPANE-1,3-DIOL 'C4 H12 N O3 1'
#
# COMPACT_ATOMS: atom_id res chain seq x y z
N GLY A 1 3.73 -13.27 20.23
CA GLY A 1 3.23 -12.43 21.40
C GLY A 1 4.15 -11.25 21.67
N ALA A 2 3.68 -10.25 22.42
CA ALA A 2 4.51 -9.10 22.83
C ALA A 2 5.47 -9.54 23.94
N MET A 3 6.66 -8.92 24.08
CA MET A 3 7.64 -9.33 25.13
C MET A 3 7.07 -9.15 26.54
N ALA A 4 6.34 -8.07 26.77
CA ALA A 4 5.70 -7.78 28.07
C ALA A 4 4.32 -7.21 27.77
N PRO A 5 3.36 -8.09 27.42
CA PRO A 5 2.03 -7.62 27.01
C PRO A 5 1.46 -6.50 27.89
N SER A 6 0.93 -5.42 27.28
CA SER A 6 0.52 -4.20 28.00
C SER A 6 -0.83 -3.70 27.50
N TYR A 7 -1.44 -2.79 28.25
CA TYR A 7 -2.59 -1.95 27.80
C TYR A 7 -2.11 -0.51 27.76
N ARG A 8 -2.49 0.23 26.72
CA ARG A 8 -2.28 1.67 26.57
C ARG A 8 -3.55 2.29 26.04
N VAL A 9 -3.66 3.61 26.16
CA VAL A 9 -4.81 4.37 25.60
C VAL A 9 -4.24 5.55 24.84
N LYS A 10 -4.78 5.81 23.66
CA LYS A 10 -4.42 7.02 22.89
C LYS A 10 -5.68 7.76 22.46
N ARG A 11 -5.63 9.09 22.49
CA ARG A 11 -6.75 9.94 22.04
C ARG A 11 -6.43 10.38 20.64
N MET A 12 -6.87 9.59 19.66
CA MET A 12 -6.63 9.91 18.23
C MET A 12 -7.49 8.99 17.36
N ASP A 13 -7.55 9.31 16.09
CA ASP A 13 -8.26 8.52 15.06
C ASP A 13 -7.62 7.11 14.96
N ILE A 14 -8.41 6.07 15.23
CA ILE A 14 -7.96 4.64 15.14
C ILE A 14 -7.51 4.32 13.71
N ALA A 15 -7.99 5.04 12.68
CA ALA A 15 -7.52 4.89 11.30
C ALA A 15 -6.04 5.23 11.13
N LYS A 16 -5.39 5.90 12.11
CA LYS A 16 -3.97 6.26 12.10
C LYS A 16 -3.20 5.44 13.14
N ASN A 17 -3.69 4.27 13.51
CA ASN A 17 -3.04 3.43 14.55
C ASN A 17 -1.67 2.95 14.10
N ASP A 18 -0.86 2.55 15.08
CA ASP A 18 0.50 2.02 14.89
C ASP A 18 0.56 0.57 15.36
N GLU A 19 -0.53 -0.17 15.19
CA GLU A 19 -0.58 -1.58 15.58
C GLU A 19 -0.65 -2.51 14.36
N GLU A 20 -0.54 -3.80 14.58
CA GLU A 20 -0.48 -4.85 13.51
C GLU A 20 -1.86 -5.23 12.98
N CYS A 21 -2.92 -4.75 13.60
CA CYS A 21 -4.31 -4.96 13.20
C CYS A 21 -5.24 -4.00 13.94
N VAL A 22 -6.46 -3.87 13.41
CA VAL A 22 -7.48 -2.90 13.88
C VAL A 22 -8.78 -3.64 14.13
N VAL A 23 -9.48 -3.25 15.17
CA VAL A 23 -10.89 -3.68 15.41
C VAL A 23 -11.80 -2.55 14.97
N ASN A 24 -12.71 -2.84 14.06
CA ASN A 24 -13.78 -1.91 13.63
C ASN A 24 -14.97 -2.07 14.55
N ALA A 25 -15.52 -0.98 15.04
CA ALA A 25 -16.86 -0.95 15.68
C ALA A 25 -17.91 -0.99 14.56
N ALA A 26 -18.14 -2.17 14.04
CA ALA A 26 -18.92 -2.39 12.81
C ALA A 26 -20.44 -2.41 13.08
N ASN A 27 -21.21 -2.29 12.00
CA ASN A 27 -22.66 -2.60 12.00
C ASN A 27 -22.83 -3.98 11.42
N PRO A 28 -23.96 -4.65 11.70
CA PRO A 28 -24.11 -6.05 11.27
C PRO A 28 -24.16 -6.24 9.75
N ARG A 29 -24.41 -5.18 9.01
CA ARG A 29 -24.65 -5.29 7.54
C ARG A 29 -23.43 -4.98 6.74
N GLY A 30 -22.30 -4.70 7.38
CA GLY A 30 -21.07 -4.38 6.60
C GLY A 30 -21.18 -3.07 5.89
N LEU A 31 -21.99 -2.12 6.38
CA LEU A 31 -22.19 -0.83 5.68
C LEU A 31 -21.17 0.15 6.18
N PRO A 32 -20.82 1.18 5.37
CA PRO A 32 -19.86 2.19 5.81
C PRO A 32 -20.17 2.89 7.13
N GLY A 33 -21.44 3.11 7.47
CA GLY A 33 -21.82 3.63 8.81
C GLY A 33 -21.31 5.04 9.09
N ASP A 34 -21.09 5.37 10.37
CA ASP A 34 -20.49 6.66 10.79
C ASP A 34 -19.54 6.46 11.97
N GLY A 35 -18.90 7.53 12.42
CA GLY A 35 -17.92 7.46 13.54
C GLY A 35 -16.71 6.59 13.19
N VAL A 36 -16.28 5.73 14.13
CA VAL A 36 -15.15 4.77 13.90
C VAL A 36 -15.40 4.01 12.58
N CYS A 37 -16.59 3.48 12.33
CA CYS A 37 -16.87 2.60 11.19
C CYS A 37 -16.60 3.37 9.87
N LYS A 38 -16.96 4.65 9.81
CA LYS A 38 -16.76 5.45 8.55
C LYS A 38 -15.25 5.72 8.33
N ALA A 39 -14.51 5.97 9.41
CA ALA A 39 -13.04 6.23 9.35
C ALA A 39 -12.35 4.98 8.83
N VAL A 40 -12.81 3.81 9.32
CA VAL A 40 -12.24 2.48 8.95
C VAL A 40 -12.60 2.27 7.46
N TYR A 41 -13.81 2.63 7.04
CA TYR A 41 -14.23 2.40 5.65
C TYR A 41 -13.36 3.25 4.71
N LYS A 42 -13.09 4.48 5.08
CA LYS A 42 -12.25 5.42 4.26
C LYS A 42 -10.80 4.91 4.17
N LYS A 43 -10.28 4.27 5.21
CA LYS A 43 -8.85 3.84 5.28
C LYS A 43 -8.66 2.45 4.66
N TRP A 44 -9.59 1.53 4.86
CA TRP A 44 -9.50 0.10 4.48
C TRP A 44 -10.77 -0.35 3.78
N PRO A 45 -11.23 0.30 2.67
CA PRO A 45 -12.54 -0.05 2.09
C PRO A 45 -12.60 -1.48 1.55
N GLU A 46 -11.45 -2.05 1.18
CA GLU A 46 -11.37 -3.42 0.65
C GLU A 46 -11.80 -4.41 1.74
N SER A 47 -11.63 -4.03 3.02
CA SER A 47 -11.95 -4.92 4.15
C SER A 47 -13.45 -5.05 4.31
N PHE A 48 -14.27 -4.32 3.57
CA PHE A 48 -15.74 -4.44 3.75
C PHE A 48 -16.41 -5.42 2.77
N LYS A 49 -15.60 -6.16 1.99
CA LYS A 49 -16.04 -7.32 1.16
C LYS A 49 -16.56 -8.45 2.06
N ASN A 50 -17.87 -8.72 2.03
CA ASN A 50 -18.45 -9.82 2.83
C ASN A 50 -18.04 -9.69 4.31
N SER A 51 -18.15 -8.46 4.82
CA SER A 51 -17.89 -8.22 6.27
C SER A 51 -19.16 -8.35 7.14
N ALA A 52 -20.34 -8.41 6.57
CA ALA A 52 -21.58 -8.52 7.35
C ALA A 52 -21.51 -9.73 8.30
N THR A 53 -21.94 -9.55 9.54
CA THR A 53 -21.85 -10.58 10.62
C THR A 53 -22.83 -10.21 11.72
N PRO A 54 -23.38 -11.18 12.48
CA PRO A 54 -24.41 -10.86 13.48
C PRO A 54 -23.89 -10.12 14.69
N VAL A 55 -24.83 -9.60 15.47
CA VAL A 55 -24.47 -8.92 16.74
C VAL A 55 -23.78 -9.96 17.62
N GLY A 56 -22.79 -9.53 18.37
CA GLY A 56 -22.11 -10.42 19.34
C GLY A 56 -20.96 -11.20 18.70
N THR A 57 -20.65 -10.99 17.41
CA THR A 57 -19.61 -11.72 16.66
C THR A 57 -18.55 -10.80 16.11
N ALA A 58 -17.48 -11.39 15.61
CA ALA A 58 -16.42 -10.63 14.92
C ALA A 58 -15.99 -11.41 13.71
N LYS A 59 -15.76 -10.71 12.62
CA LYS A 59 -15.37 -11.32 11.32
C LYS A 59 -14.16 -10.57 10.83
N THR A 60 -13.07 -11.27 10.46
CA THR A 60 -11.83 -10.60 9.96
C THR A 60 -11.82 -10.65 8.44
N VAL A 61 -11.50 -9.54 7.83
CA VAL A 61 -11.31 -9.38 6.37
C VAL A 61 -9.98 -8.64 6.19
N MET A 62 -9.11 -9.17 5.32
N MET A 62 -9.11 -9.18 5.34
N MET A 62 -9.11 -9.17 5.32
CA MET A 62 -7.75 -8.61 5.06
CA MET A 62 -7.80 -8.59 5.01
CA MET A 62 -7.75 -8.61 5.06
C MET A 62 -7.87 -7.43 4.08
C MET A 62 -8.00 -7.34 4.14
C MET A 62 -7.87 -7.43 4.08
N CYS A 63 -7.15 -6.35 4.36
CA CYS A 63 -6.93 -5.23 3.41
C CYS A 63 -5.45 -5.34 3.03
N GLY A 64 -5.13 -5.98 1.90
CA GLY A 64 -3.73 -6.34 1.61
C GLY A 64 -3.32 -7.42 2.55
N THR A 65 -2.33 -7.22 3.41
CA THR A 65 -1.98 -8.15 4.50
C THR A 65 -2.34 -7.57 5.87
N TYR A 66 -3.06 -6.47 5.90
CA TYR A 66 -3.45 -5.83 7.20
C TYR A 66 -4.83 -6.31 7.60
N PRO A 67 -4.97 -7.00 8.77
CA PRO A 67 -6.27 -7.52 9.19
C PRO A 67 -7.18 -6.43 9.79
N VAL A 68 -8.44 -6.42 9.35
CA VAL A 68 -9.54 -5.60 9.93
C VAL A 68 -10.52 -6.56 10.58
N ILE A 69 -10.63 -6.50 11.91
CA ILE A 69 -11.55 -7.36 12.68
C ILE A 69 -12.87 -6.54 12.87
N HIS A 70 -13.89 -6.91 12.14
CA HIS A 70 -15.24 -6.26 12.26
C HIS A 70 -15.97 -6.82 13.45
N ALA A 71 -16.06 -6.07 14.55
CA ALA A 71 -16.72 -6.52 15.79
C ALA A 71 -18.05 -5.76 15.94
N VAL A 72 -19.14 -6.52 16.06
CA VAL A 72 -20.53 -5.94 16.10
C VAL A 72 -21.10 -5.96 17.52
N GLY A 73 -21.00 -4.82 18.18
CA GLY A 73 -21.59 -4.59 19.50
C GLY A 73 -23.10 -4.35 19.36
N PRO A 74 -23.87 -4.61 20.39
CA PRO A 74 -25.31 -4.36 20.35
C PRO A 74 -25.61 -2.85 20.34
N ASN A 75 -26.73 -2.51 19.68
CA ASN A 75 -27.33 -1.13 19.80
C ASN A 75 -28.29 -1.16 21.00
N PHE A 76 -27.94 -0.51 22.08
CA PHE A 76 -28.72 -0.46 23.33
C PHE A 76 -30.06 0.29 23.13
N SER A 77 -30.28 0.96 22.02
CA SER A 77 -31.63 1.46 21.65
C SER A 77 -32.60 0.29 21.43
N ASN A 78 -32.09 -0.88 21.05
CA ASN A 78 -32.89 -2.04 20.59
C ASN A 78 -32.88 -3.16 21.59
N TYR A 79 -31.76 -3.38 22.29
CA TYR A 79 -31.57 -4.48 23.27
C TYR A 79 -32.01 -3.98 24.66
N THR A 80 -32.51 -4.89 25.46
CA THR A 80 -32.60 -4.72 26.93
C THR A 80 -31.20 -4.53 27.51
N GLU A 81 -31.11 -3.86 28.65
CA GLU A 81 -29.79 -3.73 29.37
C GLU A 81 -29.14 -5.10 29.55
N SER A 82 -29.91 -6.11 29.94
CA SER A 82 -29.38 -7.47 30.25
C SER A 82 -28.90 -8.16 28.97
N GLU A 83 -29.72 -8.18 27.92
CA GLU A 83 -29.37 -8.87 26.65
C GLU A 83 -28.23 -8.13 25.95
N GLY A 84 -28.24 -6.79 26.00
CA GLY A 84 -27.20 -5.95 25.41
C GLY A 84 -25.87 -6.20 26.12
N ASP A 85 -25.92 -6.38 27.43
CA ASP A 85 -24.69 -6.63 28.21
C ASP A 85 -24.07 -7.96 27.77
N ARG A 86 -24.89 -9.00 27.58
CA ARG A 86 -24.45 -10.36 27.16
C ARG A 86 -23.81 -10.28 25.76
N GLU A 87 -24.45 -9.56 24.83
CA GLU A 87 -23.97 -9.47 23.44
C GLU A 87 -22.66 -8.65 23.43
N LEU A 88 -22.53 -7.63 24.27
CA LEU A 88 -21.34 -6.76 24.29
C LEU A 88 -20.15 -7.59 24.80
N ALA A 89 -20.34 -8.37 25.88
CA ALA A 89 -19.31 -9.30 26.39
C ALA A 89 -18.92 -10.31 25.31
N ALA A 90 -19.90 -10.84 24.56
CA ALA A 90 -19.65 -11.84 23.51
C ALA A 90 -18.83 -11.22 22.37
N ALA A 91 -19.15 -10.02 21.92
CA ALA A 91 -18.40 -9.41 20.79
C ALA A 91 -16.90 -9.35 21.17
N TYR A 92 -16.59 -8.93 22.41
CA TYR A 92 -15.17 -8.87 22.82
C TYR A 92 -14.54 -10.26 22.90
N ARG A 93 -15.24 -11.28 23.39
CA ARG A 93 -14.66 -12.64 23.41
C ARG A 93 -14.31 -13.07 21.98
N GLU A 94 -15.14 -12.73 20.97
CA GLU A 94 -14.87 -13.14 19.57
C GLU A 94 -13.66 -12.34 19.07
N VAL A 95 -13.46 -11.08 19.49
CA VAL A 95 -12.25 -10.30 19.12
C VAL A 95 -11.00 -11.02 19.66
N ALA A 96 -11.00 -11.44 20.91
CA ALA A 96 -9.84 -12.17 21.49
C ALA A 96 -9.51 -13.42 20.68
N LYS A 97 -10.51 -14.19 20.24
CA LYS A 97 -10.28 -15.38 19.39
C LYS A 97 -9.58 -14.97 18.09
N GLU A 98 -10.05 -13.91 17.44
CA GLU A 98 -9.49 -13.47 16.13
C GLU A 98 -8.05 -12.98 16.31
N VAL A 99 -7.79 -12.17 17.32
CA VAL A 99 -6.45 -11.62 17.60
C VAL A 99 -5.50 -12.82 17.81
N THR A 100 -5.97 -13.83 18.55
CA THR A 100 -5.12 -15.03 18.85
C THR A 100 -4.83 -15.77 17.55
N ARG A 101 -5.85 -16.01 16.74
CA ARG A 101 -5.75 -16.79 15.49
C ARG A 101 -4.77 -16.10 14.54
N LEU A 102 -4.79 -14.77 14.45
CA LEU A 102 -4.02 -13.98 13.49
C LEU A 102 -2.54 -14.04 13.89
N GLY A 103 -2.22 -14.25 15.15
CA GLY A 103 -0.81 -14.28 15.61
C GLY A 103 -0.17 -12.91 15.63
N VAL A 104 -0.98 -11.83 15.66
CA VAL A 104 -0.45 -10.45 15.80
C VAL A 104 0.19 -10.21 17.17
N ASN A 105 1.12 -9.27 17.24
CA ASN A 105 1.74 -8.87 18.50
C ASN A 105 1.08 -7.61 19.05
N SER A 106 0.19 -6.99 18.31
CA SER A 106 -0.47 -5.76 18.79
C SER A 106 -1.82 -5.61 18.06
N VAL A 107 -2.74 -4.91 18.68
CA VAL A 107 -4.10 -4.62 18.16
C VAL A 107 -4.56 -3.24 18.63
N ALA A 108 -5.16 -2.45 17.74
CA ALA A 108 -5.88 -1.17 18.03
C ALA A 108 -7.37 -1.50 18.23
N ILE A 109 -7.97 -1.06 19.33
N ILE A 109 -7.95 -1.12 19.37
N ILE A 109 -7.97 -1.06 19.33
CA ILE A 109 -9.38 -1.40 19.67
CA ILE A 109 -9.38 -1.41 19.71
CA ILE A 109 -9.38 -1.40 19.67
C ILE A 109 -10.15 -0.18 20.17
C ILE A 109 -10.11 -0.14 20.13
C ILE A 109 -10.15 -0.18 20.17
N PRO A 110 -11.36 0.09 19.64
CA PRO A 110 -12.23 1.11 20.19
C PRO A 110 -13.13 0.51 21.30
N LEU A 111 -13.81 1.35 22.10
CA LEU A 111 -14.77 0.82 23.10
C LEU A 111 -16.11 0.64 22.37
N LEU A 112 -16.48 -0.62 22.18
CA LEU A 112 -17.72 -1.02 21.49
C LEU A 112 -18.93 -0.52 22.25
N SER A 113 -19.95 -0.14 21.50
CA SER A 113 -21.30 0.26 22.01
C SER A 113 -21.24 1.52 22.91
N THR A 114 -20.26 2.39 22.77
CA THR A 114 -20.14 3.62 23.61
C THR A 114 -20.55 4.88 22.84
N GLY A 115 -20.81 4.78 21.55
CA GLY A 115 -21.13 5.95 20.70
C GLY A 115 -22.61 5.94 20.35
N VAL A 116 -22.92 5.85 19.05
CA VAL A 116 -24.32 5.86 18.56
C VAL A 116 -25.04 4.57 18.95
N TYR A 117 -24.34 3.51 19.43
CA TYR A 117 -25.01 2.29 19.93
C TYR A 117 -25.18 2.34 21.44
N SER A 118 -24.89 3.46 22.12
CA SER A 118 -24.91 3.52 23.61
C SER A 118 -26.34 3.66 24.17
N GLY A 119 -27.34 3.90 23.31
CA GLY A 119 -28.70 4.18 23.81
C GLY A 119 -28.72 5.39 24.75
N GLY A 120 -27.82 6.35 24.49
CA GLY A 120 -27.69 7.62 25.23
C GLY A 120 -27.11 7.55 26.65
N LYS A 121 -26.51 6.42 27.02
CA LYS A 121 -25.90 6.20 28.36
C LYS A 121 -24.38 6.27 28.24
N ASP A 122 -23.70 6.55 29.35
CA ASP A 122 -22.23 6.53 29.44
C ASP A 122 -21.89 5.09 29.75
N ARG A 123 -21.20 4.41 28.83
CA ARG A 123 -20.92 2.96 29.00
C ARG A 123 -19.41 2.71 29.03
N LEU A 124 -18.62 3.75 29.35
CA LEU A 124 -17.13 3.62 29.41
C LEU A 124 -16.75 2.41 30.26
N THR A 125 -17.14 2.37 31.54
CA THR A 125 -16.75 1.30 32.48
C THR A 125 -17.28 -0.04 31.98
N GLN A 126 -18.54 -0.09 31.55
CA GLN A 126 -19.15 -1.37 31.14
C GLN A 126 -18.34 -1.97 29.98
N SER A 127 -18.12 -1.16 28.96
CA SER A 127 -17.47 -1.63 27.71
C SER A 127 -16.01 -2.00 27.98
N LEU A 128 -15.28 -1.11 28.69
CA LEU A 128 -13.85 -1.35 29.05
C LEU A 128 -13.70 -2.65 29.86
N ASN A 129 -14.61 -2.92 30.80
CA ASN A 129 -14.45 -4.09 31.69
C ASN A 129 -14.68 -5.34 30.85
N HIS A 130 -15.59 -5.31 29.87
CA HIS A 130 -15.79 -6.47 28.97
C HIS A 130 -14.56 -6.64 28.04
N LEU A 131 -13.93 -5.55 27.62
CA LEU A 131 -12.68 -5.59 26.82
C LEU A 131 -11.61 -6.31 27.67
N PHE A 132 -11.44 -5.92 28.91
CA PHE A 132 -10.42 -6.56 29.79
C PHE A 132 -10.74 -8.02 29.99
N THR A 133 -12.00 -8.38 30.30
CA THR A 133 -12.34 -9.81 30.51
C THR A 133 -11.84 -10.66 29.34
N ALA A 134 -12.06 -10.19 28.11
CA ALA A 134 -11.73 -10.92 26.88
C ALA A 134 -10.22 -10.90 26.65
N MET A 135 -9.59 -9.76 26.78
CA MET A 135 -8.22 -9.58 26.25
C MET A 135 -7.16 -9.97 27.30
N ASP A 136 -7.53 -10.10 28.55
CA ASP A 136 -6.52 -10.33 29.63
C ASP A 136 -5.70 -11.60 29.37
N SER A 137 -6.31 -12.62 28.81
CA SER A 137 -5.66 -13.92 28.54
C SER A 137 -4.90 -13.92 27.22
N THR A 138 -4.94 -12.83 26.41
CA THR A 138 -4.16 -12.74 25.17
C THR A 138 -2.79 -12.09 25.47
N ASP A 139 -1.81 -12.31 24.60
CA ASP A 139 -0.47 -11.72 24.83
C ASP A 139 -0.18 -10.63 23.80
N ALA A 140 -1.19 -10.11 23.09
CA ALA A 140 -0.94 -8.97 22.19
C ALA A 140 -0.87 -7.68 23.00
N ASP A 141 -0.04 -6.71 22.59
CA ASP A 141 -0.12 -5.33 23.11
C ASP A 141 -1.47 -4.75 22.67
N VAL A 142 -2.26 -4.25 23.61
CA VAL A 142 -3.59 -3.68 23.28
C VAL A 142 -3.49 -2.17 23.39
N VAL A 143 -3.89 -1.48 22.35
CA VAL A 143 -3.94 0.01 22.39
C VAL A 143 -5.39 0.43 22.13
N ILE A 144 -6.00 1.04 23.15
CA ILE A 144 -7.42 1.50 23.15
C ILE A 144 -7.46 2.91 22.58
N TYR A 145 -8.31 3.15 21.60
CA TYR A 145 -8.43 4.49 20.93
C TYR A 145 -9.73 5.14 21.39
N CYS A 146 -9.67 6.42 21.72
CA CYS A 146 -10.84 7.25 22.10
C CYS A 146 -10.66 8.65 21.50
N ARG A 147 -11.71 9.48 21.62
CA ARG A 147 -11.77 10.85 21.05
C ARG A 147 -11.81 11.91 22.17
N ASP A 148 -12.49 11.61 23.27
CA ASP A 148 -12.81 12.59 24.36
C ASP A 148 -11.66 12.67 25.34
N LYS A 149 -11.23 13.88 25.73
CA LYS A 149 -10.14 14.06 26.71
C LYS A 149 -10.51 13.48 28.08
N GLU A 150 -11.75 13.63 28.53
CA GLU A 150 -12.13 13.09 29.86
C GLU A 150 -12.14 11.55 29.83
N TRP A 151 -12.54 10.95 28.72
CA TRP A 151 -12.50 9.47 28.53
C TRP A 151 -11.06 8.96 28.56
N GLU A 152 -10.11 9.66 27.95
CA GLU A 152 -8.67 9.28 27.93
C GLU A 152 -8.20 9.19 29.38
N LYS A 153 -8.48 10.21 30.18
CA LYS A 153 -8.06 10.22 31.61
C LYS A 153 -8.68 9.03 32.34
N LYS A 154 -9.98 8.76 32.18
CA LYS A 154 -10.69 7.67 32.89
C LYS A 154 -10.18 6.29 32.46
N ILE A 155 -9.96 6.10 31.17
CA ILE A 155 -9.39 4.83 30.66
C ILE A 155 -7.97 4.65 31.20
N SER A 156 -7.14 5.70 31.18
CA SER A 156 -5.75 5.59 31.66
C SER A 156 -5.77 5.17 33.14
N GLU A 157 -6.63 5.81 33.94
CA GLU A 157 -6.71 5.52 35.40
C GLU A 157 -7.11 4.06 35.61
N ALA A 158 -8.08 3.54 34.84
CA ALA A 158 -8.57 2.16 34.96
C ALA A 158 -7.43 1.20 34.64
N ILE A 159 -6.62 1.50 33.62
CA ILE A 159 -5.46 0.65 33.27
C ILE A 159 -4.48 0.67 34.43
N GLN A 160 -4.15 1.87 34.91
CA GLN A 160 -3.11 2.10 35.95
C GLN A 160 -3.53 1.41 37.24
N MET A 161 -4.84 1.33 37.54
CA MET A 161 -5.39 0.76 38.81
C MET A 161 -5.01 -0.71 38.99
N ARG A 162 -4.83 -1.43 37.88
CA ARG A 162 -4.56 -2.90 37.86
C ARG A 162 -3.05 -3.15 37.96
N THR A 163 -2.21 -2.12 37.73
CA THR A 163 -0.73 -2.22 37.66
C THR A 163 -0.11 -1.98 39.05
N GLY B 1 26.99 11.87 18.06
CA GLY B 1 26.92 12.69 16.79
C GLY B 1 27.26 11.87 15.56
N ALA B 2 27.11 12.49 14.38
CA ALA B 2 27.46 11.88 13.08
C ALA B 2 28.99 11.80 12.97
N MET B 3 29.53 10.81 12.26
CA MET B 3 30.99 10.56 12.28
C MET B 3 31.71 11.76 11.66
N ALA B 4 31.07 12.36 10.66
CA ALA B 4 31.53 13.60 10.01
C ALA B 4 30.31 14.49 9.85
N PRO B 5 29.91 15.28 10.88
CA PRO B 5 28.70 16.08 10.79
C PRO B 5 28.63 16.83 9.45
N SER B 6 27.46 16.71 8.79
CA SER B 6 27.23 17.32 7.46
C SER B 6 25.88 18.06 7.44
N TYR B 7 25.71 18.86 6.40
CA TYR B 7 24.40 19.34 5.89
C TYR B 7 24.14 18.75 4.48
N ARG B 8 22.88 18.39 4.21
CA ARG B 8 22.37 17.86 2.91
C ARG B 8 20.96 18.39 2.66
N VAL B 9 20.60 18.65 1.40
CA VAL B 9 19.22 19.12 1.04
C VAL B 9 18.53 18.02 0.21
N LYS B 10 17.29 17.70 0.58
CA LYS B 10 16.42 16.75 -0.16
C LYS B 10 15.12 17.46 -0.55
N ARG B 11 14.86 17.56 -1.86
CA ARG B 11 13.58 18.10 -2.40
C ARG B 11 12.58 16.96 -2.35
N MET B 12 11.92 16.80 -1.22
CA MET B 12 10.89 15.76 -1.02
C MET B 12 10.07 16.14 0.21
N ASP B 13 9.00 15.36 0.47
CA ASP B 13 8.08 15.55 1.62
C ASP B 13 8.84 15.22 2.91
N ILE B 14 8.98 16.20 3.81
CA ILE B 14 9.69 16.01 5.11
C ILE B 14 9.02 14.91 5.94
N ALA B 15 7.74 14.65 5.72
CA ALA B 15 7.00 13.51 6.34
C ALA B 15 7.63 12.13 6.01
N LYS B 16 8.35 12.06 4.88
CA LYS B 16 9.03 10.83 4.39
C LYS B 16 10.55 11.01 4.48
N ASN B 17 11.06 11.38 5.65
CA ASN B 17 12.53 11.49 5.91
C ASN B 17 13.03 10.23 6.62
N ASP B 18 14.31 9.88 6.39
CA ASP B 18 14.96 8.72 7.03
C ASP B 18 15.88 9.20 8.17
N GLU B 19 15.68 10.42 8.70
CA GLU B 19 16.53 10.95 9.80
C GLU B 19 15.94 10.51 11.12
N GLU B 20 16.68 10.68 12.22
CA GLU B 20 16.34 10.13 13.55
C GLU B 20 15.31 10.97 14.30
N CYS B 21 14.97 12.18 13.81
CA CYS B 21 13.92 13.06 14.42
C CYS B 21 13.56 14.12 13.38
N VAL B 22 12.42 14.82 13.56
CA VAL B 22 11.92 15.82 12.59
C VAL B 22 11.58 17.14 13.34
N VAL B 23 11.81 18.22 12.62
CA VAL B 23 11.37 19.56 13.03
C VAL B 23 10.08 19.85 12.24
N ASN B 24 9.02 20.11 12.98
CA ASN B 24 7.72 20.59 12.46
C ASN B 24 7.75 22.13 12.42
N ALA B 25 7.38 22.73 11.30
CA ALA B 25 7.12 24.18 11.20
C ALA B 25 5.74 24.41 11.82
N ALA B 26 5.66 24.52 13.14
CA ALA B 26 4.41 24.49 13.92
C ALA B 26 3.72 25.85 13.99
N ASN B 27 2.43 25.86 14.33
CA ASN B 27 1.75 27.07 14.83
C ASN B 27 1.79 27.05 16.33
N PRO B 28 1.54 28.19 17.00
CA PRO B 28 1.64 28.28 18.44
C PRO B 28 0.59 27.52 19.24
N ARG B 29 -0.49 27.10 18.61
CA ARG B 29 -1.67 26.54 19.31
C ARG B 29 -1.67 25.03 19.16
N GLY B 30 -0.69 24.43 18.51
CA GLY B 30 -0.71 22.98 18.24
C GLY B 30 -1.84 22.52 17.34
N LEU B 31 -2.25 23.30 16.32
CA LEU B 31 -3.28 22.91 15.34
C LEU B 31 -2.63 22.27 14.14
N PRO B 32 -3.42 21.50 13.38
CA PRO B 32 -2.95 20.89 12.14
C PRO B 32 -2.31 21.78 11.06
N GLY B 33 -2.83 22.98 10.85
CA GLY B 33 -2.10 23.96 10.03
C GLY B 33 -2.04 23.63 8.54
N ASP B 34 -1.04 24.18 7.86
CA ASP B 34 -0.84 24.08 6.39
C ASP B 34 0.55 23.51 6.10
N GLY B 35 0.84 23.23 4.83
CA GLY B 35 2.16 22.81 4.34
C GLY B 35 2.80 21.76 5.23
N VAL B 36 4.08 21.96 5.59
CA VAL B 36 4.84 20.99 6.43
C VAL B 36 4.01 20.56 7.64
N CYS B 37 3.37 21.51 8.34
CA CYS B 37 2.64 21.20 9.56
C CYS B 37 1.53 20.16 9.30
N LYS B 38 0.81 20.32 8.20
CA LYS B 38 -0.28 19.39 7.80
C LYS B 38 0.34 18.03 7.42
N ALA B 39 1.47 18.05 6.71
CA ALA B 39 2.23 16.82 6.34
C ALA B 39 2.59 16.06 7.61
N VAL B 40 3.12 16.78 8.60
CA VAL B 40 3.57 16.25 9.91
C VAL B 40 2.35 15.80 10.70
N TYR B 41 1.24 16.51 10.64
CA TYR B 41 0.02 16.07 11.33
C TYR B 41 -0.56 14.76 10.70
N LYS B 42 -0.43 14.58 9.39
CA LYS B 42 -0.87 13.36 8.66
C LYS B 42 -0.03 12.17 9.14
N LYS B 43 1.30 12.33 9.13
CA LYS B 43 2.33 11.27 9.32
C LYS B 43 2.47 10.90 10.79
N TRP B 44 2.50 11.89 11.69
CA TRP B 44 2.73 11.68 13.14
C TRP B 44 1.70 12.40 14.01
N PRO B 45 0.39 12.15 13.81
CA PRO B 45 -0.67 12.85 14.56
C PRO B 45 -0.54 12.74 16.09
N GLU B 46 0.09 11.66 16.58
CA GLU B 46 0.33 11.46 18.03
C GLU B 46 1.19 12.61 18.60
N SER B 47 2.10 13.20 17.80
CA SER B 47 3.04 14.26 18.25
C SER B 47 2.29 15.53 18.70
N PHE B 48 1.06 15.77 18.21
CA PHE B 48 0.39 17.06 18.49
C PHE B 48 -0.23 17.14 19.86
N LYS B 49 -0.18 16.12 20.69
CA LYS B 49 -0.72 16.27 22.07
C LYS B 49 0.12 17.25 22.91
N ASN B 50 -0.54 18.26 23.51
CA ASN B 50 0.05 19.37 24.28
C ASN B 50 1.28 19.95 23.56
N SER B 51 1.21 20.10 22.24
CA SER B 51 2.34 20.66 21.44
C SER B 51 2.31 22.20 21.42
N ALA B 52 1.26 22.85 21.94
CA ALA B 52 1.20 24.34 21.94
C ALA B 52 2.38 24.96 22.68
N THR B 53 2.99 26.00 22.08
CA THR B 53 4.16 26.71 22.64
C THR B 53 4.28 28.09 21.95
N PRO B 54 4.90 29.09 22.59
CA PRO B 54 5.00 30.43 22.04
C PRO B 54 5.89 30.56 20.81
N VAL B 55 5.69 31.66 20.10
CA VAL B 55 6.57 32.01 18.96
C VAL B 55 8.00 32.14 19.47
N GLY B 56 8.95 31.67 18.67
CA GLY B 56 10.37 31.70 19.01
C GLY B 56 10.83 30.56 19.91
N THR B 57 10.00 29.56 20.15
CA THR B 57 10.33 28.40 21.02
C THR B 57 10.11 27.11 20.29
N ALA B 58 10.65 26.05 20.84
CA ALA B 58 10.49 24.69 20.31
C ALA B 58 10.08 23.78 21.45
N LYS B 59 9.17 22.86 21.18
CA LYS B 59 8.64 21.88 22.17
C LYS B 59 8.62 20.50 21.51
N THR B 60 9.32 19.53 22.15
CA THR B 60 9.46 18.15 21.65
C THR B 60 8.34 17.28 22.26
N VAL B 61 7.67 16.53 21.41
CA VAL B 61 6.68 15.47 21.77
C VAL B 61 7.06 14.21 20.96
N MET B 62 7.03 13.05 21.61
CA MET B 62 7.38 11.75 20.96
C MET B 62 6.18 11.22 20.14
N CYS B 63 6.47 10.50 19.06
CA CYS B 63 5.50 9.71 18.25
C CYS B 63 6.03 8.27 18.13
N GLY B 64 5.62 7.39 19.05
CA GLY B 64 6.33 6.13 19.32
C GLY B 64 7.70 6.41 19.93
N THR B 65 8.78 6.07 19.20
CA THR B 65 10.20 6.30 19.59
C THR B 65 10.81 7.47 18.79
N TYR B 66 9.98 8.21 18.05
CA TYR B 66 10.39 9.24 17.06
C TYR B 66 10.08 10.62 17.66
N PRO B 67 11.11 11.45 17.98
CA PRO B 67 10.92 12.81 18.50
C PRO B 67 10.52 13.79 17.37
N VAL B 68 9.42 14.48 17.62
CA VAL B 68 8.88 15.59 16.78
C VAL B 68 9.11 16.90 17.54
N ILE B 69 9.97 17.73 16.98
CA ILE B 69 10.36 19.04 17.61
C ILE B 69 9.46 20.13 16.96
N HIS B 70 8.51 20.63 17.69
CA HIS B 70 7.53 21.64 17.19
C HIS B 70 8.20 23.00 17.35
N ALA B 71 8.72 23.54 16.26
CA ALA B 71 9.40 24.86 16.27
C ALA B 71 8.45 25.95 15.70
N VAL B 72 8.24 27.01 16.49
CA VAL B 72 7.24 28.04 16.10
C VAL B 72 7.98 29.27 15.59
N GLY B 73 8.09 29.40 14.29
CA GLY B 73 8.60 30.61 13.66
C GLY B 73 7.50 31.69 13.59
N PRO B 74 7.91 32.95 13.46
CA PRO B 74 6.97 34.06 13.49
C PRO B 74 6.18 34.12 12.19
N ASN B 75 4.94 34.62 12.25
CA ASN B 75 4.16 34.94 11.02
C ASN B 75 4.50 36.38 10.65
N PHE B 76 5.22 36.58 9.57
CA PHE B 76 5.63 37.93 9.14
C PHE B 76 4.40 38.74 8.64
N SER B 77 3.20 38.17 8.53
CA SER B 77 1.98 39.02 8.38
C SER B 77 1.77 39.86 9.64
N ASN B 78 2.18 39.33 10.81
CA ASN B 78 1.84 39.90 12.13
C ASN B 78 3.04 40.64 12.76
N TYR B 79 4.25 40.16 12.54
CA TYR B 79 5.50 40.69 13.16
C TYR B 79 6.12 41.69 12.18
N THR B 80 6.79 42.71 12.68
CA THR B 80 7.66 43.57 11.85
C THR B 80 8.84 42.75 11.37
N GLU B 81 9.49 43.22 10.31
CA GLU B 81 10.76 42.60 9.82
C GLU B 81 11.73 42.48 10.99
N SER B 82 11.86 43.52 11.83
CA SER B 82 12.84 43.53 12.93
C SER B 82 12.48 42.48 13.99
N GLU B 83 11.23 42.48 14.47
CA GLU B 83 10.85 41.61 15.59
C GLU B 83 10.75 40.18 15.07
N GLY B 84 10.30 40.00 13.83
CA GLY B 84 10.23 38.69 13.16
C GLY B 84 11.62 38.08 13.03
N ASP B 85 12.61 38.86 12.66
CA ASP B 85 13.99 38.32 12.46
C ASP B 85 14.52 37.74 13.77
N ARG B 86 14.24 38.40 14.89
CA ARG B 86 14.68 37.99 16.25
C ARG B 86 13.99 36.69 16.64
N GLU B 87 12.67 36.59 16.40
CA GLU B 87 11.89 35.37 16.78
C GLU B 87 12.32 34.20 15.91
N LEU B 88 12.59 34.43 14.63
CA LEU B 88 13.01 33.32 13.73
C LEU B 88 14.38 32.78 14.18
N ALA B 89 15.35 33.65 14.49
CA ALA B 89 16.65 33.24 15.05
C ALA B 89 16.42 32.43 16.33
N ALA B 90 15.53 32.87 17.20
CA ALA B 90 15.24 32.26 18.51
C ALA B 90 14.70 30.83 18.32
N ALA B 91 13.76 30.66 17.39
CA ALA B 91 13.13 29.35 17.13
C ALA B 91 14.22 28.35 16.74
N TYR B 92 15.12 28.76 15.83
CA TYR B 92 16.21 27.85 15.44
C TYR B 92 17.16 27.58 16.64
N ARG B 93 17.51 28.58 17.44
CA ARG B 93 18.35 28.32 18.62
C ARG B 93 17.73 27.27 19.55
N GLU B 94 16.41 27.30 19.75
N GLU B 94 16.40 27.28 19.72
N GLU B 94 16.41 27.30 19.75
CA GLU B 94 15.71 26.29 20.62
CA GLU B 94 15.73 26.31 20.62
CA GLU B 94 15.71 26.29 20.62
C GLU B 94 15.78 24.92 19.94
C GLU B 94 15.71 24.92 19.95
C GLU B 94 15.78 24.92 19.94
N VAL B 95 15.66 24.86 18.61
CA VAL B 95 15.80 23.59 17.87
C VAL B 95 17.20 23.01 18.16
N ALA B 96 18.26 23.77 18.03
CA ALA B 96 19.64 23.29 18.33
C ALA B 96 19.75 22.72 19.75
N LYS B 97 19.21 23.41 20.74
CA LYS B 97 19.21 22.92 22.14
C LYS B 97 18.46 21.59 22.22
N GLU B 98 17.31 21.47 21.58
CA GLU B 98 16.55 20.19 21.63
C GLU B 98 17.30 19.04 20.94
N VAL B 99 17.82 19.28 19.75
CA VAL B 99 18.56 18.24 19.00
C VAL B 99 19.71 17.77 19.90
N THR B 100 20.39 18.70 20.57
CA THR B 100 21.54 18.38 21.48
C THR B 100 21.02 17.57 22.66
N ARG B 101 19.93 17.99 23.29
CA ARG B 101 19.39 17.28 24.49
C ARG B 101 18.99 15.84 24.15
N LEU B 102 18.44 15.60 22.97
CA LEU B 102 17.85 14.30 22.56
C LEU B 102 18.97 13.30 22.22
N GLY B 103 20.15 13.76 21.81
CA GLY B 103 21.29 12.86 21.54
C GLY B 103 21.24 12.23 20.17
N VAL B 104 20.40 12.71 19.27
CA VAL B 104 20.25 12.12 17.91
C VAL B 104 21.51 12.39 17.10
N ASN B 105 21.77 11.54 16.11
CA ASN B 105 22.86 11.67 15.13
C ASN B 105 22.32 12.31 13.89
N SER B 106 21.00 12.45 13.76
CA SER B 106 20.43 13.09 12.55
C SER B 106 19.07 13.77 12.86
N VAL B 107 18.76 14.73 12.00
CA VAL B 107 17.54 15.61 12.10
C VAL B 107 17.18 16.12 10.71
N ALA B 108 15.87 16.04 10.42
CA ALA B 108 15.20 16.59 9.24
C ALA B 108 14.58 17.92 9.64
N ILE B 109 14.87 18.97 8.88
N ILE B 109 14.92 18.97 8.90
N ILE B 109 14.92 18.97 8.90
CA ILE B 109 14.44 20.34 9.26
CA ILE B 109 14.55 20.39 9.20
CA ILE B 109 14.55 20.39 9.20
C ILE B 109 13.97 21.09 8.01
C ILE B 109 13.93 21.02 7.96
C ILE B 109 13.93 21.02 7.96
N PRO B 110 12.77 21.72 8.09
CA PRO B 110 12.27 22.55 7.01
C PRO B 110 12.75 24.00 7.25
N LEU B 111 12.57 24.88 6.28
CA LEU B 111 12.92 26.32 6.41
C LEU B 111 11.72 27.05 7.05
N LEU B 112 11.82 27.29 8.35
CA LEU B 112 10.82 28.04 9.13
C LEU B 112 10.52 29.43 8.49
N SER B 113 9.24 29.77 8.56
CA SER B 113 8.61 31.06 8.14
C SER B 113 8.76 31.29 6.62
N THR B 114 8.90 30.24 5.80
CA THR B 114 9.08 30.43 4.33
C THR B 114 7.78 30.16 3.57
N GLY B 115 6.76 29.62 4.22
CA GLY B 115 5.47 29.27 3.57
C GLY B 115 4.45 30.33 3.88
N VAL B 116 3.31 29.89 4.41
CA VAL B 116 2.16 30.78 4.77
C VAL B 116 2.63 31.88 5.72
N TYR B 117 3.68 31.62 6.53
CA TYR B 117 4.18 32.63 7.53
C TYR B 117 5.17 33.62 6.91
N SER B 118 5.46 33.57 5.59
CA SER B 118 6.44 34.44 4.91
C SER B 118 5.97 35.88 4.72
N GLY B 119 4.67 36.18 4.89
CA GLY B 119 4.15 37.53 4.63
C GLY B 119 4.33 37.86 3.16
N GLY B 120 4.34 36.86 2.28
CA GLY B 120 4.44 37.04 0.83
C GLY B 120 5.85 37.33 0.32
N LYS B 121 6.90 37.15 1.12
CA LYS B 121 8.30 37.44 0.73
C LYS B 121 9.09 36.14 0.59
N ASP B 122 10.05 36.12 -0.33
CA ASP B 122 11.04 35.02 -0.47
C ASP B 122 12.04 35.11 0.71
N ARG B 123 12.04 34.13 1.59
CA ARG B 123 12.87 34.18 2.84
C ARG B 123 13.85 33.01 2.88
N LEU B 124 14.21 32.45 1.74
CA LEU B 124 15.08 31.24 1.70
C LEU B 124 16.40 31.62 2.37
N THR B 125 17.06 32.67 1.91
CA THR B 125 18.38 33.11 2.42
C THR B 125 18.29 33.42 3.92
N GLN B 126 17.37 34.27 4.30
CA GLN B 126 17.12 34.64 5.71
C GLN B 126 16.96 33.39 6.59
N SER B 127 16.05 32.50 6.25
CA SER B 127 15.68 31.34 7.09
C SER B 127 16.86 30.36 7.13
N LEU B 128 17.50 30.11 5.99
CA LEU B 128 18.69 29.23 5.93
C LEU B 128 19.84 29.78 6.79
N ASN B 129 20.12 31.07 6.72
CA ASN B 129 21.17 31.76 7.52
C ASN B 129 20.91 31.53 9.02
N HIS B 130 19.65 31.64 9.48
CA HIS B 130 19.33 31.41 10.92
C HIS B 130 19.45 29.91 11.27
N LEU B 131 19.14 29.02 10.33
CA LEU B 131 19.26 27.56 10.53
C LEU B 131 20.76 27.23 10.75
N PHE B 132 21.63 27.72 9.88
CA PHE B 132 23.10 27.53 10.00
C PHE B 132 23.64 28.12 11.29
N THR B 133 23.30 29.38 11.64
CA THR B 133 23.78 30.03 12.88
C THR B 133 23.53 29.13 14.07
N ALA B 134 22.36 28.52 14.14
CA ALA B 134 21.95 27.66 15.27
C ALA B 134 22.64 26.31 15.16
N MET B 135 22.61 25.69 14.00
CA MET B 135 22.90 24.26 13.93
C MET B 135 24.41 24.07 13.75
N ASP B 136 25.18 25.11 13.41
CA ASP B 136 26.61 24.93 13.05
C ASP B 136 27.36 24.27 14.22
N SER B 137 27.00 24.60 15.45
CA SER B 137 27.74 24.09 16.65
C SER B 137 27.25 22.72 17.08
N THR B 138 26.23 22.12 16.44
CA THR B 138 25.71 20.77 16.79
C THR B 138 26.46 19.76 15.91
N ASP B 139 26.50 18.49 16.35
CA ASP B 139 27.23 17.44 15.59
C ASP B 139 26.23 16.49 14.93
N ALA B 140 24.93 16.80 14.95
CA ALA B 140 23.95 15.94 14.26
C ALA B 140 24.07 16.11 12.75
N ASP B 141 23.80 15.05 11.97
CA ASP B 141 23.70 15.23 10.51
C ASP B 141 22.38 15.99 10.28
N VAL B 142 22.42 17.08 9.53
CA VAL B 142 21.19 17.89 9.24
C VAL B 142 20.80 17.68 7.78
N VAL B 143 19.55 17.27 7.56
CA VAL B 143 18.98 17.24 6.19
C VAL B 143 17.84 18.27 6.12
N ILE B 144 18.01 19.24 5.27
CA ILE B 144 17.02 20.32 5.02
C ILE B 144 16.02 19.82 3.97
N TYR B 145 14.72 19.92 4.22
CA TYR B 145 13.69 19.53 3.24
C TYR B 145 13.04 20.76 2.64
N CYS B 146 12.89 20.76 1.31
CA CYS B 146 12.16 21.78 0.53
C CYS B 146 11.28 21.06 -0.52
N ARG B 147 10.47 21.82 -1.26
N ARG B 147 10.47 21.82 -1.26
N ARG B 147 10.48 21.79 -1.29
CA ARG B 147 9.53 21.30 -2.29
CA ARG B 147 9.53 21.30 -2.29
CA ARG B 147 9.61 21.20 -2.35
C ARG B 147 9.90 21.84 -3.67
C ARG B 147 9.90 21.84 -3.67
C ARG B 147 9.88 21.84 -3.71
N ASP B 148 10.28 23.12 -3.76
CA ASP B 148 10.61 23.79 -5.04
C ASP B 148 12.01 23.39 -5.53
N LYS B 149 12.17 23.18 -6.84
CA LYS B 149 13.43 22.70 -7.46
C LYS B 149 14.45 23.84 -7.55
N GLU B 150 14.00 25.08 -7.72
CA GLU B 150 14.87 26.26 -7.73
C GLU B 150 15.43 26.43 -6.31
N TRP B 151 14.63 26.07 -5.30
CA TRP B 151 15.00 26.21 -3.87
C TRP B 151 16.08 25.16 -3.53
N GLU B 152 15.87 23.91 -3.93
CA GLU B 152 16.87 22.82 -3.75
C GLU B 152 18.21 23.30 -4.32
N LYS B 153 18.17 23.87 -5.53
CA LYS B 153 19.35 24.40 -6.27
C LYS B 153 20.07 25.44 -5.39
N LYS B 154 19.34 26.42 -4.85
CA LYS B 154 19.95 27.56 -4.10
C LYS B 154 20.50 27.14 -2.73
N ILE B 155 19.84 26.20 -2.06
CA ILE B 155 20.24 25.61 -0.76
C ILE B 155 21.51 24.77 -0.99
N SER B 156 21.52 23.92 -2.02
CA SER B 156 22.69 23.10 -2.39
C SER B 156 23.91 24.00 -2.57
N GLU B 157 23.77 25.08 -3.35
CA GLU B 157 24.85 26.04 -3.64
C GLU B 157 25.26 26.74 -2.34
N ALA B 158 24.32 26.92 -1.40
CA ALA B 158 24.66 27.66 -0.16
C ALA B 158 25.51 26.71 0.71
N ILE B 159 25.16 25.42 0.81
CA ILE B 159 25.90 24.35 1.56
C ILE B 159 27.31 24.23 0.98
N GLN B 160 27.39 24.08 -0.35
CA GLN B 160 28.67 23.78 -1.07
C GLN B 160 29.65 24.95 -0.91
N MET B 161 29.15 26.19 -0.99
CA MET B 161 29.95 27.43 -0.93
C MET B 161 30.80 27.45 0.34
N ARG B 162 30.38 26.74 1.39
CA ARG B 162 30.95 26.91 2.75
C ARG B 162 32.05 25.86 2.97
N THR B 163 32.05 24.78 2.20
CA THR B 163 32.90 23.58 2.38
C THR B 163 34.10 23.61 1.43
N GLY C 1 6.55 -11.85 -24.55
CA GLY C 1 6.35 -12.71 -23.29
C GLY C 1 7.24 -13.94 -23.26
N ALA C 2 7.48 -14.51 -22.09
CA ALA C 2 8.11 -15.84 -22.01
C ALA C 2 7.10 -16.84 -22.57
N MET C 3 7.55 -17.90 -23.25
CA MET C 3 6.63 -18.94 -23.77
C MET C 3 5.76 -19.57 -22.66
N ALA C 4 6.28 -19.77 -21.46
CA ALA C 4 5.53 -20.34 -20.34
C ALA C 4 5.96 -19.62 -19.08
N PRO C 5 5.37 -18.43 -18.84
CA PRO C 5 5.79 -17.53 -17.76
C PRO C 5 5.96 -18.29 -16.43
N SER C 6 7.10 -18.12 -15.77
CA SER C 6 7.47 -18.87 -14.54
C SER C 6 7.98 -17.96 -13.42
N TYR C 7 8.02 -18.53 -12.22
CA TYR C 7 8.72 -17.96 -11.06
C TYR C 7 9.88 -18.89 -10.67
N ARG C 8 11.04 -18.34 -10.34
CA ARG C 8 12.23 -19.08 -9.83
C ARG C 8 12.86 -18.27 -8.70
N VAL C 9 13.60 -18.95 -7.82
CA VAL C 9 14.40 -18.27 -6.78
C VAL C 9 15.84 -18.75 -6.90
N LYS C 10 16.76 -17.80 -6.76
CA LYS C 10 18.22 -18.00 -6.80
C LYS C 10 18.80 -17.36 -5.55
N ARG C 11 19.70 -18.11 -4.87
CA ARG C 11 20.52 -17.58 -3.76
C ARG C 11 21.85 -17.12 -4.37
N MET C 12 21.97 -15.84 -4.72
CA MET C 12 23.02 -15.31 -5.61
C MET C 12 22.97 -13.79 -5.60
N ASP C 13 24.07 -13.13 -5.93
CA ASP C 13 24.17 -11.65 -6.03
C ASP C 13 23.31 -11.21 -7.22
N ILE C 14 22.33 -10.34 -6.98
CA ILE C 14 21.41 -9.90 -8.05
C ILE C 14 22.26 -9.10 -9.05
N ALA C 15 23.42 -8.58 -8.63
CA ALA C 15 24.23 -7.79 -9.58
C ALA C 15 24.87 -8.69 -10.68
N LYS C 16 24.75 -10.00 -10.53
N LYS C 16 24.78 -10.01 -10.54
N LYS C 16 24.75 -10.00 -10.53
CA LYS C 16 25.28 -11.02 -11.49
CA LYS C 16 25.29 -10.96 -11.57
CA LYS C 16 25.28 -11.02 -11.49
C LYS C 16 24.13 -11.80 -12.11
C LYS C 16 24.13 -11.79 -12.11
C LYS C 16 24.13 -11.80 -12.11
N ASN C 17 22.91 -11.23 -12.12
CA ASN C 17 21.73 -11.92 -12.68
C ASN C 17 21.85 -12.24 -14.19
N ASP C 18 21.05 -13.19 -14.66
CA ASP C 18 20.98 -13.66 -16.06
C ASP C 18 19.63 -13.27 -16.69
N GLU C 19 19.02 -12.18 -16.23
CA GLU C 19 17.73 -11.70 -16.79
C GLU C 19 17.90 -10.44 -17.65
N GLU C 20 16.81 -10.03 -18.32
CA GLU C 20 16.84 -8.91 -19.33
C GLU C 20 16.74 -7.54 -18.63
N CYS C 21 16.45 -7.51 -17.33
CA CYS C 21 16.44 -6.26 -16.54
C CYS C 21 16.46 -6.60 -15.06
N VAL C 22 16.72 -5.61 -14.24
CA VAL C 22 16.96 -5.78 -12.78
C VAL C 22 16.09 -4.79 -12.03
N VAL C 23 15.53 -5.26 -10.92
CA VAL C 23 14.89 -4.36 -9.91
C VAL C 23 15.89 -4.08 -8.81
N ASN C 24 16.20 -2.80 -8.64
CA ASN C 24 16.98 -2.26 -7.51
C ASN C 24 16.05 -1.95 -6.33
N ALA C 25 16.42 -2.36 -5.11
CA ALA C 25 15.70 -1.98 -3.89
C ALA C 25 16.25 -0.60 -3.49
N ALA C 26 15.63 0.41 -4.03
CA ALA C 26 16.12 1.79 -4.07
C ALA C 26 15.66 2.58 -2.83
N ASN C 27 16.27 3.74 -2.66
CA ASN C 27 15.93 4.72 -1.61
C ASN C 27 15.36 5.88 -2.37
N PRO C 28 14.50 6.70 -1.76
CA PRO C 28 13.84 7.77 -2.50
C PRO C 28 14.77 8.86 -3.10
N ARG C 29 15.97 9.00 -2.55
CA ARG C 29 16.94 10.06 -2.95
C ARG C 29 17.73 9.63 -4.20
N GLY C 30 17.83 8.32 -4.46
CA GLY C 30 18.60 7.82 -5.61
C GLY C 30 20.07 7.72 -5.30
N LEU C 31 20.40 7.41 -4.04
CA LEU C 31 21.75 7.23 -3.48
C LEU C 31 22.18 5.77 -3.50
N PRO C 32 23.51 5.51 -3.62
CA PRO C 32 24.04 4.16 -3.60
C PRO C 32 23.55 3.28 -2.44
N GLY C 33 23.32 3.86 -1.26
CA GLY C 33 22.77 3.11 -0.12
C GLY C 33 23.63 1.91 0.27
N ASP C 34 23.01 0.81 0.69
CA ASP C 34 23.70 -0.39 1.25
C ASP C 34 23.00 -1.66 0.76
N GLY C 35 23.59 -2.82 1.07
CA GLY C 35 23.06 -4.15 0.66
C GLY C 35 22.97 -4.27 -0.85
N VAL C 36 21.82 -4.73 -1.37
CA VAL C 36 21.58 -4.91 -2.85
C VAL C 36 21.75 -3.54 -3.54
N CYS C 37 21.30 -2.43 -2.92
CA CYS C 37 21.35 -1.09 -3.58
C CYS C 37 22.82 -0.72 -3.88
N LYS C 38 23.79 -1.18 -3.07
CA LYS C 38 25.25 -0.85 -3.20
C LYS C 38 25.92 -1.72 -4.27
N ALA C 39 25.75 -3.04 -4.21
CA ALA C 39 26.11 -3.98 -5.28
C ALA C 39 25.53 -3.50 -6.63
N VAL C 40 24.32 -2.96 -6.62
CA VAL C 40 23.63 -2.52 -7.86
C VAL C 40 24.30 -1.22 -8.35
N TYR C 41 24.63 -0.32 -7.45
CA TYR C 41 25.32 0.96 -7.76
C TYR C 41 26.69 0.63 -8.36
N LYS C 42 27.36 -0.38 -7.85
CA LYS C 42 28.73 -0.73 -8.29
C LYS C 42 28.65 -1.35 -9.69
N LYS C 43 27.57 -2.11 -9.97
CA LYS C 43 27.41 -2.75 -11.31
C LYS C 43 26.90 -1.75 -12.35
N TRP C 44 25.94 -0.92 -11.99
CA TRP C 44 25.23 -0.07 -12.97
C TRP C 44 25.20 1.38 -12.49
N PRO C 45 26.38 1.99 -12.22
CA PRO C 45 26.40 3.35 -11.66
C PRO C 45 25.66 4.39 -12.51
N GLU C 46 25.76 4.30 -13.84
CA GLU C 46 25.12 5.21 -14.81
C GLU C 46 23.58 5.23 -14.63
N SER C 47 22.98 4.12 -14.18
CA SER C 47 21.51 4.03 -13.91
C SER C 47 21.09 4.92 -12.73
N PHE C 48 22.04 5.50 -11.95
CA PHE C 48 21.68 6.36 -10.78
C PHE C 48 21.59 7.85 -11.15
N LYS C 49 21.84 8.18 -12.42
CA LYS C 49 21.52 9.54 -12.94
C LYS C 49 20.03 9.84 -12.82
N ASN C 50 19.65 10.76 -11.94
CA ASN C 50 18.24 11.21 -11.75
C ASN C 50 17.33 10.00 -11.48
N SER C 51 17.78 9.08 -10.64
CA SER C 51 16.97 7.90 -10.28
C SER C 51 16.00 8.20 -9.13
N ALA C 52 16.07 9.37 -8.51
CA ALA C 52 15.21 9.71 -7.35
C ALA C 52 13.75 9.48 -7.74
N THR C 53 12.97 8.87 -6.84
CA THR C 53 11.54 8.56 -7.03
C THR C 53 10.91 8.31 -5.64
N PRO C 54 9.65 8.72 -5.43
CA PRO C 54 9.03 8.61 -4.11
C PRO C 54 8.78 7.17 -3.63
N VAL C 55 8.69 7.00 -2.31
CA VAL C 55 8.17 5.75 -1.69
C VAL C 55 6.89 5.33 -2.44
N GLY C 56 6.76 4.03 -2.73
CA GLY C 56 5.58 3.43 -3.37
C GLY C 56 5.60 3.53 -4.89
N THR C 57 6.74 3.93 -5.47
CA THR C 57 6.89 4.14 -6.94
C THR C 57 8.10 3.36 -7.47
N ALA C 58 8.19 3.31 -8.81
CA ALA C 58 9.35 2.71 -9.51
C ALA C 58 9.69 3.64 -10.66
N LYS C 59 11.00 3.83 -10.89
CA LYS C 59 11.55 4.66 -12.00
C LYS C 59 12.64 3.86 -12.71
N THR C 60 12.51 3.65 -14.02
CA THR C 60 13.54 2.95 -14.82
C THR C 60 14.58 3.95 -15.34
N VAL C 61 15.84 3.63 -15.13
CA VAL C 61 16.97 4.33 -15.81
C VAL C 61 17.84 3.26 -16.47
N MET C 62 18.19 3.48 -17.75
N MET C 62 18.18 3.49 -17.75
N MET C 62 18.18 3.49 -17.75
CA MET C 62 19.03 2.55 -18.54
CA MET C 62 19.02 2.54 -18.55
CA MET C 62 19.02 2.54 -18.55
C MET C 62 20.50 2.77 -18.18
C MET C 62 20.49 2.76 -18.18
C MET C 62 20.49 2.76 -18.18
N CYS C 63 21.24 1.67 -18.08
CA CYS C 63 22.70 1.65 -17.98
C CYS C 63 23.15 1.08 -19.33
N GLY C 64 23.51 1.94 -20.29
CA GLY C 64 23.59 1.52 -21.70
C GLY C 64 22.21 1.19 -22.26
N THR C 65 21.90 -0.09 -22.60
CA THR C 65 20.53 -0.49 -22.97
C THR C 65 19.94 -1.45 -21.90
N TYR C 66 20.65 -1.70 -20.80
CA TYR C 66 20.20 -2.61 -19.72
C TYR C 66 19.32 -1.82 -18.75
N PRO C 67 18.01 -2.14 -18.63
CA PRO C 67 17.10 -1.40 -17.74
C PRO C 67 17.32 -1.73 -16.27
N VAL C 68 17.44 -0.69 -15.44
CA VAL C 68 17.48 -0.81 -13.97
C VAL C 68 16.21 -0.13 -13.43
N ILE C 69 15.32 -0.92 -12.82
CA ILE C 69 14.01 -0.46 -12.31
C ILE C 69 14.22 -0.14 -10.83
N HIS C 70 14.27 1.17 -10.51
CA HIS C 70 14.49 1.58 -9.11
C HIS C 70 13.13 1.59 -8.40
N ALA C 71 12.93 0.65 -7.50
CA ALA C 71 11.63 0.44 -6.82
C ALA C 71 11.82 0.80 -5.36
N VAL C 72 11.03 1.78 -4.89
CA VAL C 72 11.18 2.30 -3.53
C VAL C 72 10.08 1.72 -2.64
N GLY C 73 10.40 0.69 -1.87
CA GLY C 73 9.52 0.19 -0.82
C GLY C 73 9.61 1.10 0.40
N PRO C 74 8.59 1.02 1.26
CA PRO C 74 8.60 1.79 2.50
C PRO C 74 9.65 1.26 3.46
N ASN C 75 10.18 2.15 4.29
CA ASN C 75 11.04 1.73 5.40
C ASN C 75 10.18 1.60 6.66
N PHE C 76 10.03 0.40 7.17
CA PHE C 76 9.06 0.09 8.24
C PHE C 76 9.54 0.60 9.61
N SER C 77 10.78 1.09 9.72
CA SER C 77 11.24 1.80 10.95
C SER C 77 10.55 3.16 11.06
N ASN C 78 9.95 3.64 9.96
CA ASN C 78 9.36 4.98 9.86
C ASN C 78 7.92 4.96 9.30
N TYR C 79 7.32 3.79 9.07
CA TYR C 79 5.93 3.69 8.55
C TYR C 79 5.19 2.75 9.52
N THR C 80 3.90 3.03 9.74
CA THR C 80 2.99 2.12 10.48
C THR C 80 2.83 0.84 9.66
N GLU C 81 2.39 -0.24 10.30
CA GLU C 81 2.06 -1.50 9.56
C GLU C 81 1.03 -1.19 8.49
N SER C 82 0.00 -0.41 8.83
CA SER C 82 -1.12 -0.13 7.92
C SER C 82 -0.61 0.68 6.70
N GLU C 83 0.06 1.80 6.94
CA GLU C 83 0.45 2.70 5.83
C GLU C 83 1.57 2.01 5.02
N GLY C 84 2.47 1.29 5.67
CA GLY C 84 3.57 0.63 4.96
C GLY C 84 3.07 -0.50 4.11
N ASP C 85 2.06 -1.25 4.55
CA ASP C 85 1.48 -2.32 3.73
C ASP C 85 0.98 -1.79 2.39
N ARG C 86 0.31 -0.64 2.40
CA ARG C 86 -0.19 0.03 1.16
C ARG C 86 0.98 0.37 0.23
N GLU C 87 2.02 1.00 0.79
CA GLU C 87 3.16 1.53 -0.02
C GLU C 87 3.92 0.33 -0.61
N LEU C 88 4.04 -0.77 0.13
CA LEU C 88 4.76 -1.98 -0.35
C LEU C 88 3.99 -2.53 -1.54
N ALA C 89 2.67 -2.67 -1.42
CA ALA C 89 1.82 -3.18 -2.53
C ALA C 89 2.00 -2.29 -3.77
N ALA C 90 2.03 -0.96 -3.57
CA ALA C 90 2.06 0.02 -4.67
C ALA C 90 3.45 -0.04 -5.36
N ALA C 91 4.54 -0.20 -4.63
CA ALA C 91 5.90 -0.28 -5.23
C ALA C 91 5.90 -1.47 -6.18
N TYR C 92 5.37 -2.61 -5.76
CA TYR C 92 5.36 -3.79 -6.64
C TYR C 92 4.46 -3.59 -7.86
N ARG C 93 3.29 -2.95 -7.70
N ARG C 93 3.30 -2.93 -7.70
N ARG C 93 3.29 -2.95 -7.70
CA ARG C 93 2.39 -2.65 -8.84
CA ARG C 93 2.40 -2.66 -8.84
CA ARG C 93 2.39 -2.65 -8.84
C ARG C 93 3.16 -1.80 -9.85
C ARG C 93 3.14 -1.79 -9.86
C ARG C 93 3.16 -1.80 -9.85
N GLU C 94 3.94 -0.83 -9.38
CA GLU C 94 4.76 0.03 -10.29
C GLU C 94 5.86 -0.82 -10.95
N VAL C 95 6.41 -1.83 -10.28
CA VAL C 95 7.43 -2.73 -10.94
C VAL C 95 6.74 -3.48 -12.07
N ALA C 96 5.53 -4.00 -11.86
CA ALA C 96 4.80 -4.76 -12.91
C ALA C 96 4.53 -3.86 -14.11
N LYS C 97 4.16 -2.60 -13.89
CA LYS C 97 3.91 -1.63 -15.00
C LYS C 97 5.22 -1.40 -15.80
N GLU C 98 6.33 -1.19 -15.12
CA GLU C 98 7.66 -0.90 -15.74
C GLU C 98 8.15 -2.11 -16.52
N VAL C 99 7.99 -3.32 -15.97
CA VAL C 99 8.37 -4.55 -16.72
C VAL C 99 7.53 -4.64 -17.99
N THR C 100 6.20 -4.40 -17.88
CA THR C 100 5.26 -4.48 -19.02
C THR C 100 5.70 -3.46 -20.10
N ARG C 101 5.92 -2.23 -19.67
CA ARG C 101 6.28 -1.12 -20.56
C ARG C 101 7.56 -1.49 -21.32
N LEU C 102 8.54 -2.08 -20.66
CA LEU C 102 9.86 -2.36 -21.30
C LEU C 102 9.77 -3.51 -22.31
N GLY C 103 8.75 -4.37 -22.22
CA GLY C 103 8.60 -5.50 -23.17
C GLY C 103 9.61 -6.62 -22.92
N VAL C 104 10.32 -6.63 -21.79
CA VAL C 104 11.29 -7.73 -21.41
C VAL C 104 10.59 -9.10 -21.26
N ASN C 105 11.33 -10.19 -21.51
CA ASN C 105 10.85 -11.57 -21.29
C ASN C 105 11.24 -12.09 -19.90
N SER C 106 12.03 -11.33 -19.15
CA SER C 106 12.53 -11.74 -17.83
C SER C 106 13.01 -10.56 -17.01
N VAL C 107 12.98 -10.75 -15.70
CA VAL C 107 13.31 -9.72 -14.70
C VAL C 107 13.87 -10.39 -13.45
N ALA C 108 14.93 -9.81 -12.88
CA ALA C 108 15.55 -10.19 -11.62
C ALA C 108 14.99 -9.23 -10.57
N ILE C 109 14.41 -9.78 -9.49
N ILE C 109 14.49 -9.76 -9.46
N ILE C 109 14.41 -9.78 -9.49
CA ILE C 109 13.73 -8.99 -8.43
CA ILE C 109 13.79 -8.92 -8.44
CA ILE C 109 13.73 -8.99 -8.43
C ILE C 109 14.24 -9.44 -7.06
C ILE C 109 14.15 -9.42 -7.05
C ILE C 109 14.24 -9.44 -7.06
N PRO C 110 14.49 -8.50 -6.11
CA PRO C 110 14.67 -8.85 -4.72
C PRO C 110 13.35 -8.67 -3.97
N LEU C 111 13.28 -9.13 -2.74
CA LEU C 111 12.07 -8.88 -1.89
C LEU C 111 12.20 -7.50 -1.22
N LEU C 112 11.38 -6.59 -1.69
CA LEU C 112 11.35 -5.21 -1.18
C LEU C 112 11.00 -5.18 0.30
N SER C 113 11.63 -4.24 1.00
CA SER C 113 11.35 -3.88 2.40
C SER C 113 11.67 -5.06 3.31
N THR C 114 12.61 -5.96 2.97
CA THR C 114 12.93 -7.11 3.86
C THR C 114 14.30 -7.01 4.56
N GLY C 115 15.13 -6.03 4.24
CA GLY C 115 16.45 -5.90 4.90
C GLY C 115 16.41 -4.75 5.86
N VAL C 116 17.21 -3.73 5.62
CA VAL C 116 17.29 -2.55 6.51
C VAL C 116 15.94 -1.82 6.53
N TYR C 117 15.08 -1.95 5.50
CA TYR C 117 13.75 -1.29 5.48
C TYR C 117 12.69 -2.16 6.20
N SER C 118 13.08 -3.27 6.81
CA SER C 118 12.13 -4.20 7.48
C SER C 118 11.65 -3.71 8.86
N GLY C 119 12.28 -2.69 9.45
CA GLY C 119 11.97 -2.29 10.82
C GLY C 119 12.23 -3.39 11.82
N GLY C 120 13.13 -4.33 11.48
CA GLY C 120 13.55 -5.46 12.33
C GLY C 120 12.57 -6.61 12.39
N LYS C 121 11.60 -6.70 11.47
CA LYS C 121 10.59 -7.78 11.43
C LYS C 121 10.87 -8.67 10.22
N ASP C 122 10.52 -9.94 10.33
CA ASP C 122 10.54 -10.92 9.23
C ASP C 122 9.35 -10.63 8.30
N ARG C 123 9.65 -10.16 7.10
CA ARG C 123 8.62 -9.74 6.10
C ARG C 123 8.74 -10.60 4.84
N LEU C 124 9.26 -11.83 4.92
CA LEU C 124 9.30 -12.72 3.73
C LEU C 124 7.92 -12.93 3.12
N THR C 125 6.96 -13.41 3.91
CA THR C 125 5.63 -13.79 3.41
C THR C 125 4.92 -12.53 2.93
N GLN C 126 4.98 -11.44 3.70
CA GLN C 126 4.31 -10.18 3.31
C GLN C 126 4.86 -9.67 1.96
N SER C 127 6.19 -9.58 1.84
CA SER C 127 6.80 -9.00 0.63
C SER C 127 6.53 -9.92 -0.57
N LEU C 128 6.68 -11.23 -0.37
CA LEU C 128 6.45 -12.20 -1.46
C LEU C 128 4.99 -12.19 -1.90
N ASN C 129 4.03 -12.12 -0.96
CA ASN C 129 2.58 -12.03 -1.33
C ASN C 129 2.34 -10.78 -2.19
N HIS C 130 2.90 -9.62 -1.84
CA HIS C 130 2.74 -8.42 -2.68
C HIS C 130 3.40 -8.60 -4.05
N LEU C 131 4.54 -9.26 -4.11
CA LEU C 131 5.24 -9.55 -5.36
C LEU C 131 4.31 -10.35 -6.29
N PHE C 132 3.75 -11.44 -5.80
CA PHE C 132 2.86 -12.32 -6.62
C PHE C 132 1.63 -11.54 -7.03
N THR C 133 1.00 -10.76 -6.12
CA THR C 133 -0.22 -9.98 -6.43
C THR C 133 0.03 -9.08 -7.66
N ALA C 134 1.21 -8.45 -7.72
CA ALA C 134 1.54 -7.52 -8.83
C ALA C 134 2.03 -8.29 -10.05
N MET C 135 2.82 -9.35 -9.88
CA MET C 135 3.51 -10.00 -11.03
C MET C 135 2.73 -11.16 -11.65
N ASP C 136 1.67 -11.64 -11.03
CA ASP C 136 0.95 -12.80 -11.59
C ASP C 136 0.36 -12.50 -12.96
N SER C 137 -0.06 -11.25 -13.19
CA SER C 137 -0.74 -10.81 -14.44
C SER C 137 0.28 -10.49 -15.55
N THR C 138 1.59 -10.53 -15.25
CA THR C 138 2.66 -10.30 -16.24
C THR C 138 3.10 -11.60 -16.87
N ASP C 139 3.67 -11.56 -18.08
CA ASP C 139 4.16 -12.75 -18.83
C ASP C 139 5.67 -12.84 -18.84
N ALA C 140 6.36 -12.11 -17.98
CA ALA C 140 7.84 -12.18 -17.88
C ALA C 140 8.24 -13.34 -16.99
N ASP C 141 9.30 -14.06 -17.33
CA ASP C 141 9.95 -14.95 -16.36
C ASP C 141 10.46 -14.08 -15.19
N VAL C 142 10.04 -14.39 -13.99
CA VAL C 142 10.47 -13.67 -12.78
C VAL C 142 11.46 -14.55 -12.01
N VAL C 143 12.63 -13.99 -11.70
CA VAL C 143 13.68 -14.66 -10.91
C VAL C 143 13.92 -13.84 -9.64
N ILE C 144 13.59 -14.41 -8.49
CA ILE C 144 13.73 -13.73 -7.18
C ILE C 144 15.12 -14.04 -6.64
N TYR C 145 15.86 -13.03 -6.19
CA TYR C 145 17.25 -13.20 -5.66
C TYR C 145 17.24 -12.98 -4.16
N CYS C 146 17.85 -13.91 -3.44
CA CYS C 146 18.02 -13.79 -1.99
C CYS C 146 19.45 -14.20 -1.60
N ARG C 147 19.79 -14.00 -0.32
CA ARG C 147 21.15 -14.25 0.25
C ARG C 147 21.08 -15.37 1.29
N ASP C 148 19.96 -15.55 1.97
CA ASP C 148 19.88 -16.45 3.15
C ASP C 148 19.42 -17.82 2.70
N LYS C 149 20.04 -18.92 3.18
CA LYS C 149 19.57 -20.28 2.77
C LYS C 149 18.18 -20.60 3.31
N GLU C 150 17.78 -20.19 4.51
CA GLU C 150 16.42 -20.54 5.00
C GLU C 150 15.35 -19.79 4.14
N TRP C 151 15.62 -18.55 3.74
CA TRP C 151 14.74 -17.74 2.84
C TRP C 151 14.63 -18.42 1.47
N GLU C 152 15.74 -18.90 0.90
CA GLU C 152 15.66 -19.63 -0.38
C GLU C 152 14.66 -20.78 -0.26
N LYS C 153 14.76 -21.61 0.77
CA LYS C 153 13.86 -22.77 0.93
C LYS C 153 12.40 -22.30 1.09
N LYS C 154 12.13 -21.29 1.87
CA LYS C 154 10.74 -20.80 2.10
C LYS C 154 10.14 -20.18 0.83
N ILE C 155 10.92 -19.38 0.11
CA ILE C 155 10.45 -18.83 -1.19
C ILE C 155 10.18 -19.97 -2.18
N SER C 156 11.13 -20.90 -2.32
CA SER C 156 10.94 -22.07 -3.21
C SER C 156 9.65 -22.81 -2.87
N GLU C 157 9.39 -23.08 -1.60
CA GLU C 157 8.16 -23.80 -1.17
C GLU C 157 6.93 -23.01 -1.58
N ALA C 158 6.89 -21.72 -1.30
CA ALA C 158 5.78 -20.81 -1.69
C ALA C 158 5.49 -20.86 -3.20
N ILE C 159 6.51 -20.88 -4.06
CA ILE C 159 6.34 -20.91 -5.54
C ILE C 159 5.75 -22.27 -5.90
N GLN C 160 6.32 -23.33 -5.32
CA GLN C 160 5.88 -24.71 -5.64
C GLN C 160 4.47 -24.94 -5.09
N MET C 161 4.09 -24.34 -3.97
CA MET C 161 2.71 -24.51 -3.41
C MET C 161 1.70 -24.33 -4.53
N ARG C 162 1.86 -23.31 -5.38
CA ARG C 162 0.78 -22.79 -6.28
C ARG C 162 0.79 -23.52 -7.64
N THR C 163 1.86 -24.24 -7.97
CA THR C 163 1.98 -25.03 -9.23
C THR C 163 1.41 -26.43 -8.99
N PRO D 5 -21.07 -16.44 -38.62
CA PRO D 5 -21.26 -16.76 -37.19
C PRO D 5 -22.41 -15.98 -36.53
N SER D 6 -23.33 -16.72 -35.90
N SER D 6 -23.29 -16.71 -35.84
N SER D 6 -23.33 -16.72 -35.90
CA SER D 6 -24.44 -16.19 -35.06
CA SER D 6 -24.45 -16.17 -35.07
CA SER D 6 -24.44 -16.19 -35.06
C SER D 6 -23.85 -15.75 -33.71
C SER D 6 -24.05 -15.91 -33.62
C SER D 6 -23.85 -15.75 -33.71
N TYR D 7 -24.51 -14.80 -33.04
CA TYR D 7 -24.11 -14.36 -31.70
C TYR D 7 -25.34 -14.34 -30.82
N ARG D 8 -25.16 -14.79 -29.57
CA ARG D 8 -26.17 -14.75 -28.50
C ARG D 8 -25.44 -14.35 -27.24
N VAL D 9 -26.20 -13.93 -26.25
CA VAL D 9 -25.68 -13.65 -24.89
C VAL D 9 -26.52 -14.40 -23.87
N LYS D 10 -25.89 -14.89 -22.79
CA LYS D 10 -26.55 -15.52 -21.64
C LYS D 10 -25.99 -14.88 -20.38
N ARG D 11 -26.87 -14.56 -19.44
CA ARG D 11 -26.48 -14.12 -18.09
C ARG D 11 -26.45 -15.38 -17.24
N MET D 12 -25.34 -16.11 -17.31
CA MET D 12 -25.14 -17.37 -16.53
C MET D 12 -23.65 -17.68 -16.43
N ASP D 13 -23.31 -18.55 -15.49
CA ASP D 13 -21.91 -18.99 -15.21
C ASP D 13 -21.40 -19.73 -16.45
N ILE D 14 -20.29 -19.26 -17.03
CA ILE D 14 -19.72 -19.90 -18.25
C ILE D 14 -19.30 -21.33 -17.93
N ALA D 15 -19.06 -21.67 -16.65
CA ALA D 15 -18.71 -23.06 -16.22
C ALA D 15 -19.93 -24.00 -16.41
N LYS D 16 -21.10 -23.44 -16.67
CA LYS D 16 -22.31 -24.24 -17.02
C LYS D 16 -22.80 -24.00 -18.45
N ASN D 17 -21.91 -23.68 -19.39
CA ASN D 17 -22.33 -23.41 -20.77
C ASN D 17 -22.88 -24.66 -21.50
N ASP D 18 -23.58 -24.44 -22.60
CA ASP D 18 -24.20 -25.48 -23.46
C ASP D 18 -23.46 -25.53 -24.80
N GLU D 19 -22.21 -25.12 -24.90
CA GLU D 19 -21.50 -25.12 -26.21
C GLU D 19 -20.38 -26.19 -26.26
N GLU D 20 -19.82 -26.42 -27.41
CA GLU D 20 -18.85 -27.53 -27.65
C GLU D 20 -17.46 -27.23 -27.07
N CYS D 21 -17.16 -25.98 -26.67
CA CYS D 21 -15.85 -25.60 -26.11
C CYS D 21 -16.03 -24.28 -25.37
N VAL D 22 -15.04 -23.94 -24.54
CA VAL D 22 -15.13 -22.76 -23.66
C VAL D 22 -13.81 -21.98 -23.80
N VAL D 23 -13.93 -20.66 -23.75
CA VAL D 23 -12.77 -19.73 -23.63
C VAL D 23 -12.63 -19.30 -22.18
N ASN D 24 -11.47 -19.58 -21.61
CA ASN D 24 -11.11 -19.12 -20.26
C ASN D 24 -10.54 -17.72 -20.37
N ALA D 25 -10.96 -16.81 -19.51
CA ALA D 25 -10.27 -15.50 -19.31
C ALA D 25 -9.06 -15.76 -18.42
N ALA D 26 -7.97 -16.25 -19.01
CA ALA D 26 -6.83 -16.84 -18.30
C ALA D 26 -5.84 -15.77 -17.81
N ASN D 27 -5.01 -16.15 -16.86
CA ASN D 27 -3.74 -15.42 -16.56
C ASN D 27 -2.57 -16.08 -17.28
N PRO D 28 -1.45 -15.35 -17.45
CA PRO D 28 -0.36 -15.89 -18.27
C PRO D 28 0.38 -17.08 -17.64
N ARG D 29 0.22 -17.26 -16.34
CA ARG D 29 0.94 -18.28 -15.53
C ARG D 29 0.20 -19.62 -15.42
N GLY D 30 -1.04 -19.72 -15.88
CA GLY D 30 -1.87 -20.92 -15.69
C GLY D 30 -2.28 -21.13 -14.26
N LEU D 31 -2.42 -20.05 -13.47
CA LEU D 31 -2.85 -20.12 -12.07
C LEU D 31 -4.36 -20.19 -12.01
N PRO D 32 -4.95 -20.75 -10.92
CA PRO D 32 -6.39 -20.79 -10.73
C PRO D 32 -7.12 -19.44 -10.76
N GLY D 33 -6.47 -18.41 -10.23
CA GLY D 33 -6.97 -17.02 -10.34
C GLY D 33 -8.26 -16.80 -9.56
N ASP D 34 -9.10 -15.90 -10.08
CA ASP D 34 -10.41 -15.49 -9.47
C ASP D 34 -11.41 -15.25 -10.61
N GLY D 35 -12.69 -15.05 -10.28
CA GLY D 35 -13.71 -14.74 -11.31
C GLY D 35 -13.91 -15.92 -12.24
N VAL D 36 -14.07 -15.64 -13.53
CA VAL D 36 -14.25 -16.68 -14.61
C VAL D 36 -13.15 -17.76 -14.47
N CYS D 37 -11.90 -17.34 -14.30
CA CYS D 37 -10.73 -18.22 -14.31
C CYS D 37 -10.89 -19.27 -13.19
N LYS D 38 -11.35 -18.85 -12.00
CA LYS D 38 -11.50 -19.74 -10.81
C LYS D 38 -12.69 -20.67 -11.02
N ALA D 39 -13.71 -20.24 -11.77
CA ALA D 39 -14.88 -21.10 -12.08
C ALA D 39 -14.47 -22.17 -13.09
N VAL D 40 -13.66 -21.79 -14.06
CA VAL D 40 -13.12 -22.70 -15.09
C VAL D 40 -12.18 -23.68 -14.36
N TYR D 41 -11.37 -23.21 -13.41
CA TYR D 41 -10.45 -24.10 -12.66
C TYR D 41 -11.24 -25.19 -11.88
N LYS D 42 -12.35 -24.80 -11.25
CA LYS D 42 -13.17 -25.74 -10.43
C LYS D 42 -13.88 -26.75 -11.35
N LYS D 43 -14.26 -26.33 -12.56
CA LYS D 43 -15.05 -27.18 -13.52
C LYS D 43 -14.12 -28.09 -14.32
N TRP D 44 -12.99 -27.59 -14.78
CA TRP D 44 -12.10 -28.28 -15.74
C TRP D 44 -10.65 -28.20 -15.24
N PRO D 45 -10.32 -28.63 -14.01
CA PRO D 45 -8.95 -28.42 -13.49
C PRO D 45 -7.88 -29.13 -14.32
N GLU D 46 -8.23 -30.27 -14.97
CA GLU D 46 -7.24 -30.99 -15.80
C GLU D 46 -6.75 -30.11 -16.95
N SER D 47 -7.54 -29.11 -17.38
CA SER D 47 -7.16 -28.27 -18.56
C SER D 47 -6.06 -27.27 -18.18
N PHE D 48 -5.68 -27.19 -16.92
CA PHE D 48 -4.61 -26.23 -16.51
C PHE D 48 -3.21 -26.86 -16.54
N LYS D 49 -3.09 -28.10 -17.02
CA LYS D 49 -1.79 -28.74 -17.25
C LYS D 49 -1.07 -28.03 -18.40
N ASN D 50 0.05 -27.37 -18.11
CA ASN D 50 0.85 -26.60 -19.10
C ASN D 50 -0.05 -25.61 -19.85
N SER D 51 -0.92 -24.89 -19.17
CA SER D 51 -1.81 -23.86 -19.80
C SER D 51 -1.13 -22.48 -19.84
N ALA D 52 -0.01 -22.27 -19.16
CA ALA D 52 0.71 -20.97 -19.17
C ALA D 52 1.02 -20.54 -20.60
N THR D 53 0.82 -19.24 -20.91
CA THR D 53 1.01 -18.77 -22.29
C THR D 53 1.10 -17.27 -22.20
N PRO D 54 1.77 -16.59 -23.15
CA PRO D 54 1.98 -15.17 -22.99
C PRO D 54 0.68 -14.35 -23.17
N VAL D 55 0.74 -13.08 -22.76
CA VAL D 55 -0.34 -12.07 -23.06
C VAL D 55 -0.54 -12.02 -24.56
N GLY D 56 -1.81 -11.93 -24.98
CA GLY D 56 -2.13 -11.84 -26.42
C GLY D 56 -2.23 -13.17 -27.15
N THR D 57 -2.14 -14.29 -26.44
CA THR D 57 -2.11 -15.63 -27.06
C THR D 57 -3.23 -16.49 -26.50
N ALA D 58 -3.48 -17.59 -27.19
CA ALA D 58 -4.51 -18.54 -26.73
C ALA D 58 -3.87 -19.93 -26.76
N LYS D 59 -4.14 -20.73 -25.75
CA LYS D 59 -3.59 -22.10 -25.73
C LYS D 59 -4.71 -23.06 -25.32
N THR D 60 -4.98 -24.04 -26.17
CA THR D 60 -6.08 -25.01 -25.98
C THR D 60 -5.55 -26.24 -25.24
N VAL D 61 -6.16 -26.56 -24.11
CA VAL D 61 -5.92 -27.84 -23.38
C VAL D 61 -7.24 -28.56 -23.18
N MET D 62 -7.25 -29.86 -23.49
CA MET D 62 -8.45 -30.72 -23.35
C MET D 62 -8.65 -31.08 -21.88
N CYS D 63 -9.91 -31.10 -21.46
CA CYS D 63 -10.32 -31.73 -20.19
C CYS D 63 -11.19 -32.92 -20.59
N GLY D 64 -10.65 -34.12 -20.57
CA GLY D 64 -11.29 -35.22 -21.34
C GLY D 64 -11.21 -34.93 -22.82
N THR D 65 -12.36 -34.76 -23.52
CA THR D 65 -12.41 -34.39 -24.93
C THR D 65 -13.00 -32.95 -25.08
N TYR D 66 -13.19 -32.23 -24.00
CA TYR D 66 -13.81 -30.89 -23.99
C TYR D 66 -12.69 -29.84 -24.02
N PRO D 67 -12.63 -29.04 -25.10
CA PRO D 67 -11.53 -28.11 -25.26
C PRO D 67 -11.75 -26.88 -24.39
N VAL D 68 -10.71 -26.49 -23.66
CA VAL D 68 -10.67 -25.22 -22.90
C VAL D 68 -9.59 -24.36 -23.60
N ILE D 69 -9.99 -23.21 -24.14
CA ILE D 69 -9.13 -22.31 -24.92
C ILE D 69 -8.72 -21.23 -23.95
N HIS D 70 -7.51 -21.33 -23.38
CA HIS D 70 -7.05 -20.34 -22.39
C HIS D 70 -6.60 -19.10 -23.17
N ALA D 71 -7.32 -17.99 -23.04
CA ALA D 71 -6.98 -16.76 -23.79
C ALA D 71 -6.49 -15.70 -22.79
N VAL D 72 -5.32 -15.11 -23.02
CA VAL D 72 -4.72 -14.20 -22.01
C VAL D 72 -4.85 -12.76 -22.49
N GLY D 73 -5.88 -12.09 -22.02
CA GLY D 73 -6.05 -10.67 -22.33
C GLY D 73 -5.10 -9.87 -21.46
N PRO D 74 -4.79 -8.63 -21.89
CA PRO D 74 -3.93 -7.77 -21.11
C PRO D 74 -4.57 -7.25 -19.84
N ASN D 75 -3.75 -7.10 -18.83
CA ASN D 75 -4.12 -6.37 -17.60
C ASN D 75 -3.88 -4.87 -17.78
N PHE D 76 -4.96 -4.09 -17.92
CA PHE D 76 -4.81 -2.62 -18.21
C PHE D 76 -4.26 -1.82 -17.00
N SER D 77 -4.09 -2.44 -15.84
CA SER D 77 -3.30 -1.85 -14.73
C SER D 77 -1.80 -1.87 -15.05
N ASN D 78 -1.38 -2.68 -16.03
CA ASN D 78 0.05 -2.84 -16.39
C ASN D 78 0.34 -2.20 -17.73
N TYR D 79 -0.56 -2.33 -18.71
CA TYR D 79 -0.39 -1.90 -20.11
C TYR D 79 -0.95 -0.47 -20.25
N THR D 80 -0.35 0.31 -21.13
CA THR D 80 -0.98 1.55 -21.65
C THR D 80 -2.24 1.23 -22.44
N GLU D 81 -3.11 2.23 -22.57
CA GLU D 81 -4.26 2.04 -23.48
C GLU D 81 -3.82 1.55 -24.84
N SER D 82 -2.77 2.14 -25.41
CA SER D 82 -2.36 1.86 -26.79
C SER D 82 -1.87 0.39 -26.89
N GLU D 83 -0.92 0.01 -26.04
CA GLU D 83 -0.31 -1.34 -26.15
C GLU D 83 -1.34 -2.40 -25.71
N GLY D 84 -2.15 -2.13 -24.71
CA GLY D 84 -3.25 -3.01 -24.27
C GLY D 84 -4.24 -3.29 -25.37
N ASP D 85 -4.67 -2.27 -26.11
CA ASP D 85 -5.66 -2.44 -27.20
C ASP D 85 -5.13 -3.47 -28.18
N ARG D 86 -3.86 -3.37 -28.52
CA ARG D 86 -3.24 -4.25 -29.52
C ARG D 86 -3.27 -5.69 -28.98
N GLU D 87 -2.99 -5.89 -27.70
CA GLU D 87 -2.87 -7.27 -27.11
C GLU D 87 -4.27 -7.85 -26.93
N LEU D 88 -5.28 -7.01 -26.69
CA LEU D 88 -6.68 -7.49 -26.54
C LEU D 88 -7.14 -7.97 -27.91
N ALA D 89 -6.84 -7.23 -28.99
CA ALA D 89 -7.13 -7.63 -30.37
C ALA D 89 -6.47 -8.98 -30.67
N ALA D 90 -5.19 -9.15 -30.30
CA ALA D 90 -4.39 -10.36 -30.59
C ALA D 90 -5.00 -11.57 -29.85
N ALA D 91 -5.36 -11.42 -28.59
CA ALA D 91 -5.94 -12.54 -27.81
C ALA D 91 -7.19 -13.08 -28.52
N TYR D 92 -8.12 -12.22 -28.90
CA TYR D 92 -9.32 -12.67 -29.64
C TYR D 92 -9.00 -13.25 -31.02
N ARG D 93 -8.04 -12.66 -31.74
CA ARG D 93 -7.54 -13.22 -33.02
C ARG D 93 -7.08 -14.67 -32.82
N GLU D 94 -6.32 -14.93 -31.74
CA GLU D 94 -5.81 -16.29 -31.46
C GLU D 94 -6.96 -17.24 -31.02
N VAL D 95 -7.96 -16.76 -30.29
CA VAL D 95 -9.21 -17.56 -29.97
C VAL D 95 -9.88 -17.98 -31.26
N ALA D 96 -10.06 -17.06 -32.20
CA ALA D 96 -10.78 -17.35 -33.48
C ALA D 96 -10.03 -18.45 -34.24
N LYS D 97 -8.70 -18.37 -34.27
CA LYS D 97 -7.84 -19.36 -34.99
C LYS D 97 -7.95 -20.73 -34.32
N GLU D 98 -8.06 -20.78 -32.98
CA GLU D 98 -8.25 -22.07 -32.25
C GLU D 98 -9.65 -22.65 -32.55
N VAL D 99 -10.69 -21.82 -32.58
CA VAL D 99 -12.09 -22.26 -32.79
C VAL D 99 -12.17 -22.88 -34.21
N THR D 100 -11.52 -22.25 -35.18
CA THR D 100 -11.53 -22.70 -36.59
C THR D 100 -10.80 -24.05 -36.63
N ARG D 101 -9.58 -24.11 -36.08
CA ARG D 101 -8.70 -25.31 -36.10
C ARG D 101 -9.41 -26.51 -35.44
N LEU D 102 -10.15 -26.28 -34.37
CA LEU D 102 -10.83 -27.37 -33.61
C LEU D 102 -12.05 -27.87 -34.37
N GLY D 103 -12.60 -27.05 -35.27
CA GLY D 103 -13.77 -27.44 -36.10
C GLY D 103 -15.06 -27.54 -35.31
N VAL D 104 -15.15 -26.86 -34.17
CA VAL D 104 -16.37 -26.86 -33.33
C VAL D 104 -17.51 -26.14 -34.04
N ASN D 105 -18.74 -26.47 -33.67
CA ASN D 105 -19.95 -25.77 -34.14
C ASN D 105 -20.30 -24.59 -33.23
N SER D 106 -19.84 -24.60 -31.98
CA SER D 106 -20.24 -23.58 -30.98
C SER D 106 -19.09 -23.31 -30.00
N VAL D 107 -19.11 -22.12 -29.40
CA VAL D 107 -18.10 -21.68 -28.39
C VAL D 107 -18.76 -20.73 -27.42
N ALA D 108 -18.43 -20.91 -26.15
CA ALA D 108 -18.80 -20.09 -24.99
C ALA D 108 -17.59 -19.16 -24.75
N ILE D 109 -17.83 -17.85 -24.68
N ILE D 109 -17.84 -17.84 -24.75
N ILE D 109 -17.83 -17.85 -24.68
CA ILE D 109 -16.74 -16.83 -24.61
CA ILE D 109 -16.77 -16.80 -24.62
CA ILE D 109 -16.74 -16.83 -24.61
C ILE D 109 -17.14 -15.72 -23.65
C ILE D 109 -17.18 -15.77 -23.57
C ILE D 109 -17.14 -15.72 -23.65
N PRO D 110 -16.24 -15.34 -22.71
CA PRO D 110 -16.46 -14.20 -21.85
C PRO D 110 -15.83 -12.96 -22.49
N LEU D 111 -16.08 -11.78 -21.92
CA LEU D 111 -15.46 -10.53 -22.44
C LEU D 111 -14.12 -10.34 -21.71
N LEU D 112 -13.07 -10.58 -22.48
CA LEU D 112 -11.69 -10.52 -21.96
C LEU D 112 -11.40 -9.10 -21.48
N SER D 113 -10.65 -9.01 -20.40
CA SER D 113 -10.07 -7.76 -19.83
C SER D 113 -11.17 -6.82 -19.34
N THR D 114 -12.36 -7.32 -18.97
CA THR D 114 -13.46 -6.44 -18.46
C THR D 114 -13.66 -6.54 -16.96
N GLY D 115 -13.01 -7.48 -16.28
CA GLY D 115 -13.08 -7.58 -14.82
C GLY D 115 -11.83 -7.03 -14.14
N VAL D 116 -11.12 -7.86 -13.39
CA VAL D 116 -9.94 -7.40 -12.61
C VAL D 116 -8.80 -6.94 -13.54
N TYR D 117 -8.83 -7.25 -14.83
CA TYR D 117 -7.81 -6.78 -15.82
C TYR D 117 -8.29 -5.47 -16.49
N SER D 118 -9.39 -4.84 -16.03
CA SER D 118 -9.97 -3.64 -16.72
C SER D 118 -9.22 -2.36 -16.35
N GLY D 119 -8.39 -2.36 -15.30
CA GLY D 119 -7.67 -1.14 -14.87
C GLY D 119 -8.69 -0.14 -14.32
N GLY D 120 -9.83 -0.61 -13.81
CA GLY D 120 -10.87 0.24 -13.18
C GLY D 120 -11.81 0.91 -14.18
N LYS D 121 -11.72 0.60 -15.47
CA LYS D 121 -12.46 1.24 -16.58
C LYS D 121 -13.56 0.30 -17.07
N ASP D 122 -14.63 0.86 -17.60
CA ASP D 122 -15.70 0.12 -18.32
C ASP D 122 -15.23 -0.20 -19.74
N ARG D 123 -14.98 -1.50 -20.04
CA ARG D 123 -14.42 -1.96 -21.33
C ARG D 123 -15.40 -2.85 -22.09
N LEU D 124 -16.68 -2.78 -21.79
CA LEU D 124 -17.69 -3.61 -22.51
C LEU D 124 -17.62 -3.41 -24.02
N THR D 125 -17.76 -2.16 -24.52
CA THR D 125 -17.77 -1.86 -25.97
C THR D 125 -16.44 -2.27 -26.60
N GLN D 126 -15.34 -1.88 -25.98
CA GLN D 126 -13.97 -2.17 -26.50
C GLN D 126 -13.77 -3.69 -26.62
N SER D 127 -14.07 -4.42 -25.55
CA SER D 127 -13.85 -5.91 -25.55
C SER D 127 -14.81 -6.60 -26.54
N LEU D 128 -16.08 -6.17 -26.57
CA LEU D 128 -17.08 -6.73 -27.51
C LEU D 128 -16.69 -6.40 -28.94
N ASN D 129 -16.11 -5.22 -29.23
CA ASN D 129 -15.75 -4.89 -30.62
C ASN D 129 -14.60 -5.78 -31.14
N HIS D 130 -13.59 -6.03 -30.31
CA HIS D 130 -12.49 -6.97 -30.66
C HIS D 130 -13.03 -8.41 -30.83
N LEU D 131 -13.96 -8.85 -29.98
CA LEU D 131 -14.62 -10.18 -30.08
C LEU D 131 -15.29 -10.32 -31.47
N PHE D 132 -16.13 -9.35 -31.86
CA PHE D 132 -16.86 -9.41 -33.16
C PHE D 132 -15.86 -9.46 -34.31
N THR D 133 -14.84 -8.58 -34.26
CA THR D 133 -13.86 -8.51 -35.37
C THR D 133 -13.17 -9.85 -35.61
N ALA D 134 -12.75 -10.52 -34.53
CA ALA D 134 -12.05 -11.81 -34.63
C ALA D 134 -13.03 -12.92 -35.02
N MET D 135 -14.16 -12.98 -34.32
CA MET D 135 -15.04 -14.18 -34.39
C MET D 135 -15.85 -14.11 -35.69
N ASP D 136 -16.02 -12.93 -36.32
CA ASP D 136 -16.68 -12.84 -37.66
C ASP D 136 -15.95 -13.71 -38.67
N SER D 137 -14.66 -14.00 -38.48
CA SER D 137 -13.88 -14.81 -39.45
C SER D 137 -14.17 -16.31 -39.26
N THR D 138 -14.95 -16.73 -38.27
CA THR D 138 -15.28 -18.16 -38.02
C THR D 138 -16.71 -18.47 -38.49
N ASP D 139 -17.13 -19.74 -38.51
CA ASP D 139 -18.57 -20.02 -38.83
C ASP D 139 -19.28 -20.69 -37.63
N ALA D 140 -18.80 -20.45 -36.41
CA ALA D 140 -19.38 -21.05 -35.19
C ALA D 140 -20.48 -20.18 -34.63
N ASP D 141 -21.41 -20.84 -33.93
CA ASP D 141 -22.35 -20.21 -33.00
C ASP D 141 -21.53 -19.71 -31.83
N VAL D 142 -21.52 -18.40 -31.59
CA VAL D 142 -20.81 -17.76 -30.45
C VAL D 142 -21.83 -17.37 -29.42
N VAL D 143 -21.65 -17.86 -28.21
CA VAL D 143 -22.45 -17.46 -27.04
C VAL D 143 -21.57 -16.77 -26.00
N ILE D 144 -21.89 -15.49 -25.76
CA ILE D 144 -21.22 -14.61 -24.80
C ILE D 144 -21.87 -14.76 -23.45
N TYR D 145 -21.05 -14.95 -22.41
CA TYR D 145 -21.48 -15.14 -21.01
C TYR D 145 -21.13 -13.90 -20.21
N CYS D 146 -22.10 -13.38 -19.45
CA CYS D 146 -21.93 -12.25 -18.50
C CYS D 146 -22.71 -12.57 -17.23
N ARG D 147 -22.53 -11.76 -16.20
CA ARG D 147 -23.15 -11.91 -14.86
C ARG D 147 -24.17 -10.80 -14.64
N ASP D 148 -23.87 -9.59 -15.13
CA ASP D 148 -24.60 -8.34 -14.78
C ASP D 148 -25.79 -8.09 -15.70
N LYS D 149 -26.97 -7.75 -15.18
CA LYS D 149 -28.18 -7.54 -16.04
C LYS D 149 -27.99 -6.36 -16.98
N GLU D 150 -27.41 -5.24 -16.51
CA GLU D 150 -27.17 -4.07 -17.38
C GLU D 150 -26.22 -4.46 -18.52
N TRP D 151 -25.18 -5.27 -18.23
CA TRP D 151 -24.24 -5.76 -19.28
C TRP D 151 -24.94 -6.66 -20.27
N GLU D 152 -25.75 -7.62 -19.77
CA GLU D 152 -26.56 -8.50 -20.65
C GLU D 152 -27.34 -7.64 -21.65
N LYS D 153 -27.99 -6.58 -21.17
CA LYS D 153 -28.86 -5.73 -22.01
C LYS D 153 -28.03 -5.07 -23.12
N LYS D 154 -26.90 -4.47 -22.73
CA LYS D 154 -25.97 -3.73 -23.63
C LYS D 154 -25.39 -4.68 -24.68
N ILE D 155 -24.95 -5.89 -24.29
CA ILE D 155 -24.36 -6.86 -25.24
C ILE D 155 -25.46 -7.25 -26.24
N SER D 156 -26.67 -7.51 -25.74
CA SER D 156 -27.82 -7.93 -26.60
C SER D 156 -28.16 -6.80 -27.60
N GLU D 157 -28.23 -5.55 -27.13
CA GLU D 157 -28.39 -4.34 -28.00
C GLU D 157 -27.27 -4.30 -29.03
N ALA D 158 -26.01 -4.50 -28.64
CA ALA D 158 -24.86 -4.50 -29.59
C ALA D 158 -25.00 -5.58 -30.67
N ILE D 159 -25.49 -6.78 -30.30
CA ILE D 159 -25.70 -7.89 -31.28
C ILE D 159 -26.81 -7.46 -32.25
N GLN D 160 -27.90 -6.96 -31.68
CA GLN D 160 -29.10 -6.53 -32.45
C GLN D 160 -28.66 -5.51 -33.52
N MET D 161 -27.85 -4.51 -33.13
CA MET D 161 -27.54 -3.32 -33.96
C MET D 161 -26.51 -3.60 -35.06
N ARG D 162 -26.00 -4.83 -35.22
CA ARG D 162 -25.11 -5.15 -36.37
C ARG D 162 -25.87 -5.96 -37.42
N THR D 163 -27.05 -6.50 -37.08
CA THR D 163 -27.96 -7.16 -38.04
C THR D 163 -28.74 -6.05 -38.77
S DMS E . -6.49 5.59 1.33
O DMS E . -6.98 4.17 1.44
C1 DMS E . -6.39 6.22 3.00
C2 DMS E . -7.89 6.56 0.81
S DMS F . -22.03 2.32 14.54
O DMS F . -20.91 3.11 13.92
C1 DMS F . -21.83 0.65 13.97
C2 DMS F . -23.49 2.75 13.64
S DMS G . -19.01 9.63 24.45
O DMS G . -18.40 8.30 24.07
C1 DMS G . -17.64 10.75 24.65
C2 DMS G . -19.67 10.31 22.94
C TRS H . -25.22 -14.32 18.47
C1 TRS H . -23.94 -14.22 19.30
C2 TRS H . -24.91 -14.51 16.99
C3 TRS H . -26.09 -15.48 18.98
N TRS H . -25.99 -13.03 18.63
O1 TRS H . -24.21 -13.98 20.69
O2 TRS H . -24.11 -15.67 16.76
O3 TRS H . -27.46 -15.30 18.63
S DMS I . -8.60 -13.82 7.48
O DMS I . -7.98 -13.65 8.84
C1 DMS I . -9.24 -12.25 7.00
C2 DMS I . -10.15 -14.62 7.74
S DMS J . -17.68 4.16 19.52
O DMS J . -17.34 2.74 19.00
C1 DMS J . -17.62 5.23 18.11
C2 DMS J . -16.17 4.71 20.31
S DMS K . -2.43 4.97 29.24
O DMS K . -1.56 4.49 28.11
C1 DMS K . -1.88 6.64 29.54
C2 DMS K . -1.92 4.17 30.74
CL CL L . -20.96 2.67 18.98
CL CL M . -14.41 8.75 23.28
CL CL N . -6.14 12.16 15.20
N1 8P7 O . -13.16 7.55 17.38
C4 8P7 O . -14.62 8.96 15.88
C5 8P7 O . -14.72 9.41 14.57
C6 8P7 O . -13.78 9.04 13.61
C7 8P7 O . -12.72 8.20 13.94
C8 8P7 O . -12.60 7.75 15.25
C1 8P7 O . -11.28 6.11 18.19
C2 8P7 O . -12.01 6.84 17.13
C3 8P7 O . -13.56 8.13 16.20
N2 8P7 O . -11.64 6.94 15.86
S DMS P . -3.31 -3.50 -1.24
O DMS P . -2.51 -3.07 0.01
C1 DMS P . -3.74 -2.02 -2.12
C2 DMS P . -4.96 -3.91 -0.71
S DMS Q . 6.78 25.95 5.08
O DMS Q . 7.63 25.71 6.31
C1 DMS Q . 5.53 24.70 5.09
C2 DMS Q . 7.71 25.37 3.68
S DMS R . 1.70 26.54 9.33
O DMS R . 1.18 25.64 10.39
C1 DMS R . 3.08 27.38 10.07
C2 DMS R . 0.56 27.87 9.46
S DMS S . 7.85 28.59 -1.69
O DMS S . 8.50 28.32 -0.37
C1 DMS S . 9.07 28.24 -2.93
C2 DMS S . 7.74 30.35 -1.90
CL CL T . 10.28 24.98 -0.83
CL CL U . 5.64 28.80 7.17
N1 8P7 V . 7.26 21.59 2.32
C4 8P7 V . 4.80 21.65 1.66
C5 8P7 V . 3.66 20.86 1.63
C6 8P7 V . 3.69 19.53 2.08
C7 8P7 V . 4.86 18.98 2.57
C8 8P7 V . 6.03 19.76 2.59
C1 8P7 V . 9.43 20.79 3.27
C2 8P7 V . 8.01 20.59 2.86
C3 8P7 V . 5.97 21.08 2.14
N2 8P7 V . 7.31 19.47 3.03
CL CL W . 8.99 10.11 -0.90
S DMS X . 16.61 -6.45 0.24
O DMS X . 15.86 -5.41 -0.56
C1 DMS X . 17.00 -7.76 -0.87
C2 DMS X . 18.25 -5.82 0.51
CL CL Y . 17.64 -13.07 2.06
CL CL Z . 15.31 -3.26 2.17
S DMS AA . 31.89 -2.99 -12.95
O DMS AA . 30.68 -2.10 -13.18
C1 DMS AA . 31.31 -4.57 -12.47
C2 DMS AA . 32.65 -2.47 -11.42
S DMS BA . 18.19 0.63 0.97
O DMS BA . 17.01 0.64 0.02
C1 DMS BA . 19.42 1.68 0.24
C2 DMS BA . 19.03 -0.93 0.77
S DMS CA . 16.94 -11.14 5.43
O DMS CA . 17.10 -12.48 6.09
C1 DMS CA . 18.52 -10.77 4.69
C2 DMS CA . 17.02 -9.94 6.74
C TRS DA . 2.93 -11.11 -28.00
C1 TRS DA . 4.42 -10.78 -28.15
C2 TRS DA . 2.10 -10.31 -29.01
C3 TRS DA . 2.69 -12.61 -28.19
N TRS DA . 2.49 -10.72 -26.62
O1 TRS DA . 4.70 -9.45 -27.70
O2 TRS DA . 0.73 -10.66 -28.98
O3 TRS DA . 3.77 -13.41 -27.75
S DMS EA . -17.08 -30.41 -10.90
O DMS EA . -17.73 -29.11 -11.40
C1 DMS EA . -16.20 -29.93 -9.41
C2 DMS EA . -15.68 -30.84 -11.94
S DMS FA . -7.84 -13.08 -14.01
O DMS FA . -7.40 -14.53 -13.79
C1 DMS FA . -9.49 -12.92 -13.42
C2 DMS FA . -8.10 -12.79 -15.76
S DMS GA . -4.87 -29.46 -28.64
O DMS GA . -6.21 -28.99 -29.24
C1 DMS GA . -5.10 -29.49 -26.90
C2 DMS GA . -3.73 -28.09 -28.75
CL CL HA . -20.63 -8.94 -16.47
CL CL IA . -10.65 -9.78 -16.66
N1 8P7 JA . -18.72 -14.56 -15.04
C4 8P7 JA . -17.77 -14.47 -12.68
C5 8P7 JA . -17.43 -15.29 -11.61
C6 8P7 JA . -17.59 -16.67 -11.69
C7 8P7 JA . -18.09 -17.27 -12.84
C8 8P7 JA . -18.44 -16.46 -13.92
C1 8P7 JA . -19.72 -15.45 -17.14
C2 8P7 JA . -19.13 -15.63 -15.79
C3 8P7 JA . -18.28 -15.08 -13.82
N2 8P7 JA . -18.97 -16.78 -15.16
#